data_6H12
#
_entry.id   6H12
#
_cell.length_a   91.270
_cell.length_b   105.090
_cell.length_c   149.690
_cell.angle_alpha   90.00
_cell.angle_beta   90.00
_cell.angle_gamma   90.00
#
_symmetry.space_group_name_H-M   'P 21 21 21'
#
loop_
_entity.id
_entity.type
_entity.pdbx_description
1 polymer Acetylcholinesterase
2 non-polymer '2-(N-MORPHOLINO)-ETHANESULFONIC ACID'
3 non-polymer GLYCEROL
4 non-polymer 'TRIETHYLENE GLYCOL'
5 non-polymer 1,2-ETHANEDIOL
6 non-polymer 'SULFATE ION'
7 non-polymer DI(HYDROXYETHYL)ETHER
8 non-polymer 2-acetamido-2-deoxy-beta-D-glucopyranose
9 non-polymer 'CHLORIDE ION'
10 non-polymer 1-[4-[[1-[2-(1,2,3,4,4~{a},9~{a}-hexahydroacridin-9-ylamino)ethyl]-1,2,3-triazol-4-yl]methoxymethyl]pyridin-2-yl]-3-[(10~{b}~{R})-6-oxidanylidene-2,3,4,10~{b}-tetrahydro-1~{H}-pyrido[2,1-a]isoindol-10-yl]urea
11 water water
#
_entity_poly.entity_id   1
_entity_poly.type   'polypeptide(L)'
_entity_poly.pdbx_seq_one_letter_code
;DDHSELLVNTKSGKVMGTRVPVLSSHISAFLGIPFAEPPVGNMRFRRPEPKKPWSGVWNASTYPNNCQQYVDEQFPGFSG
SEMWNPNREMSEDCLYLNIWVPSPRPKSTTVMVWIYGGGFYSGSSTLDVYNGKYLAYTEEVVLVSLSYRVGAFGFLALHG
SQEAPGNVGLLDQRMALQWVHDNIQFFGGDPKTVTIFGESAGGASVGMHILSPGSRDLFRRAILQSGSPNCPWASVSVAE
GRRRAVELGRNLNCNLNSDEELIHCLREKKPQELIDVEWNVLPFDSIFRFSFVPVIDGEFFPTSLESMLNSGNFKKTQIL
LGVNKDEGSFFLLYGAPGFSKDSESKISREDFMSGVKLSVPHANDLGLDAVTLQYTDWMDDNNGIKNRDGLDDIVGDHNV
ICPLMHFVNKYTKFGNGTYLYFFNHRASNLVWPEWMGVIHGYEIEFVFGLPLVKELNYTAEEEALSRRIMHYWATFAKTG
NPNEPHSQESKWPLFTTKEQKFIDLNTEPMKVHQRLRVQMCVFWNQFLPKLLNATACDGELSSSGTSSSKGIIFYVLFSI
LYLIF
;
_entity_poly.pdbx_strand_id   A,B
#
# COMPACT_ATOMS: atom_id res chain seq x y z
N SER A 4 40.19 -22.51 14.81
CA SER A 4 41.13 -21.91 13.87
C SER A 4 40.50 -20.66 13.25
N GLU A 5 39.36 -20.88 12.59
CA GLU A 5 38.48 -19.77 12.23
C GLU A 5 38.19 -18.88 13.44
N LEU A 6 38.14 -19.47 14.64
CA LEU A 6 37.74 -18.77 15.85
C LEU A 6 38.91 -18.19 16.62
N LEU A 7 40.13 -18.28 16.08
CA LEU A 7 41.33 -17.83 16.77
C LEU A 7 41.97 -16.73 15.94
N VAL A 8 42.10 -15.54 16.51
CA VAL A 8 42.54 -14.36 15.75
C VAL A 8 43.61 -13.63 16.53
N ASN A 9 44.72 -13.32 15.87
CA ASN A 9 45.82 -12.57 16.48
CA ASN A 9 45.81 -12.57 16.49
C ASN A 9 45.62 -11.09 16.16
N THR A 10 45.38 -10.28 17.17
CA THR A 10 45.18 -8.85 16.96
C THR A 10 46.39 -8.06 17.47
N LYS A 11 46.42 -6.76 17.13
CA LYS A 11 47.50 -5.91 17.61
C LYS A 11 47.47 -5.73 19.13
N SER A 12 46.44 -6.23 19.81
CA SER A 12 46.36 -6.18 21.25
C SER A 12 46.51 -7.54 21.91
N GLY A 13 46.51 -8.61 21.14
CA GLY A 13 46.58 -9.96 21.69
C GLY A 13 45.76 -10.92 20.86
N LYS A 14 45.88 -12.20 21.22
CA LYS A 14 45.08 -13.24 20.58
C LYS A 14 43.70 -13.29 21.21
N VAL A 15 42.69 -13.57 20.38
CA VAL A 15 41.31 -13.72 20.84
CA VAL A 15 41.32 -13.73 20.86
C VAL A 15 40.77 -15.05 20.32
N MET A 16 39.90 -15.65 21.12
CA MET A 16 39.19 -16.88 20.76
C MET A 16 37.70 -16.61 20.81
N GLY A 17 37.03 -16.75 19.66
CA GLY A 17 35.59 -16.57 19.56
C GLY A 17 34.85 -17.87 19.77
N THR A 18 33.63 -17.92 19.23
CA THR A 18 32.71 -19.03 19.40
C THR A 18 31.81 -19.13 18.17
N ARG A 19 31.30 -20.34 17.91
CA ARG A 19 30.46 -20.60 16.75
CA ARG A 19 30.46 -20.62 16.76
C ARG A 19 29.00 -20.54 17.17
N VAL A 20 28.22 -19.67 16.52
CA VAL A 20 26.82 -19.50 16.92
C VAL A 20 25.87 -19.95 15.83
N PRO A 21 24.75 -20.58 16.17
CA PRO A 21 23.75 -20.89 15.15
C PRO A 21 23.01 -19.62 14.73
N VAL A 22 22.64 -19.60 13.47
CA VAL A 22 21.82 -18.54 12.89
C VAL A 22 21.10 -19.12 11.69
N LEU A 23 19.78 -19.20 11.79
CA LEU A 23 18.90 -19.51 10.65
C LEU A 23 19.36 -20.78 9.92
N SER A 24 19.48 -21.88 10.67
CA SER A 24 19.85 -23.20 10.13
C SER A 24 21.29 -23.26 9.61
N SER A 25 22.08 -22.22 9.79
CA SER A 25 23.51 -22.29 9.49
C SER A 25 24.26 -21.84 10.74
N HIS A 26 25.50 -21.36 10.56
CA HIS A 26 26.32 -20.93 11.68
C HIS A 26 27.23 -19.80 11.19
N ILE A 27 27.66 -18.95 12.13
CA ILE A 27 28.70 -17.96 11.88
C ILE A 27 29.58 -17.83 13.12
N SER A 28 30.66 -17.06 12.98
CA SER A 28 31.58 -16.82 14.08
C SER A 28 31.19 -15.54 14.82
N ALA A 29 31.37 -15.57 16.14
CA ALA A 29 31.15 -14.43 17.01
C ALA A 29 32.33 -14.26 17.95
N PHE A 30 32.77 -13.02 18.12
CA PHE A 30 33.81 -12.67 19.07
C PHE A 30 33.23 -11.64 20.02
N LEU A 31 32.93 -12.07 21.24
CA LEU A 31 32.12 -11.27 22.15
C LEU A 31 32.96 -10.75 23.31
N GLY A 32 32.76 -9.48 23.67
CA GLY A 32 33.44 -8.93 24.83
C GLY A 32 34.93 -8.70 24.66
N ILE A 33 35.35 -8.26 23.48
CA ILE A 33 36.74 -7.90 23.24
C ILE A 33 37.01 -6.54 23.87
N PRO A 34 38.01 -6.43 24.75
CA PRO A 34 38.30 -5.14 25.36
C PRO A 34 39.04 -4.22 24.41
N PHE A 35 38.67 -2.94 24.43
CA PHE A 35 39.35 -1.97 23.58
C PHE A 35 39.93 -0.79 24.36
N ALA A 36 39.68 -0.72 25.66
CA ALA A 36 40.24 0.34 26.49
C ALA A 36 40.60 -0.25 27.85
N GLU A 37 41.47 0.46 28.57
CA GLU A 37 41.67 0.13 29.97
C GLU A 37 40.37 0.36 30.74
N PRO A 38 40.03 -0.51 31.69
CA PRO A 38 38.83 -0.27 32.51
C PRO A 38 38.86 1.11 33.13
N PRO A 39 37.82 1.99 32.83
CA PRO A 39 37.79 3.37 33.34
C PRO A 39 37.35 3.44 34.80
N VAL A 40 38.16 2.84 35.68
CA VAL A 40 37.79 2.66 37.08
C VAL A 40 38.72 3.45 38.00
N GLY A 41 38.27 3.65 39.23
CA GLY A 41 39.11 4.27 40.23
C GLY A 41 39.43 5.70 39.90
N ASN A 42 40.72 6.03 39.87
CA ASN A 42 41.15 7.37 39.52
C ASN A 42 40.94 7.69 38.04
N MET A 43 40.49 6.73 37.24
CA MET A 43 40.23 6.98 35.83
C MET A 43 38.77 7.23 35.51
N ARG A 44 37.89 7.16 36.51
CA ARG A 44 36.49 7.55 36.29
C ARG A 44 36.42 9.02 35.90
N PHE A 45 35.64 9.32 34.86
CA PHE A 45 35.45 10.60 34.18
C PHE A 45 36.63 10.97 33.29
N ARG A 46 37.71 10.21 33.27
CA ARG A 46 38.89 10.53 32.48
CA ARG A 46 38.88 10.55 32.47
C ARG A 46 38.75 10.01 31.05
N ARG A 47 39.53 10.62 30.15
CA ARG A 47 39.64 10.14 28.78
C ARG A 47 39.98 8.66 28.82
N PRO A 48 39.52 7.87 27.86
CA PRO A 48 39.90 6.46 27.85
C PRO A 48 41.35 6.31 27.44
N GLU A 49 41.98 5.25 27.93
CA GLU A 49 43.32 4.82 27.56
C GLU A 49 43.25 3.52 26.78
N PRO A 50 44.05 3.38 25.72
CA PRO A 50 44.08 2.11 25.00
C PRO A 50 44.28 0.93 25.94
N LYS A 51 43.64 -0.19 25.60
CA LYS A 51 43.81 -1.41 26.37
C LYS A 51 45.24 -1.90 26.27
N LYS A 52 45.86 -2.19 27.42
CA LYS A 52 47.21 -2.72 27.42
C LYS A 52 47.23 -4.09 26.77
N PRO A 53 48.11 -4.34 25.79
CA PRO A 53 48.15 -5.66 25.16
C PRO A 53 48.36 -6.76 26.19
N TRP A 54 47.68 -7.89 25.97
CA TRP A 54 47.68 -9.01 26.90
C TRP A 54 48.42 -10.19 26.31
N SER A 55 49.03 -10.98 27.18
CA SER A 55 49.53 -12.28 26.78
C SER A 55 48.42 -13.30 26.92
N GLY A 56 48.58 -14.42 26.23
CA GLY A 56 47.57 -15.45 26.29
C GLY A 56 46.43 -15.20 25.32
N VAL A 57 45.37 -15.96 25.53
CA VAL A 57 44.20 -15.96 24.66
C VAL A 57 43.04 -15.37 25.44
N TRP A 58 42.54 -14.22 24.98
CA TRP A 58 41.34 -13.65 25.56
C TRP A 58 40.15 -14.52 25.17
N ASN A 59 39.41 -15.00 26.17
CA ASN A 59 38.20 -15.76 25.92
C ASN A 59 37.11 -14.79 25.46
N ALA A 60 36.75 -14.85 24.18
CA ALA A 60 35.75 -13.92 23.64
C ALA A 60 34.52 -14.68 23.18
N SER A 61 33.95 -15.50 24.06
CA SER A 61 32.80 -16.32 23.72
C SER A 61 31.55 -15.89 24.47
N THR A 62 31.63 -14.84 25.27
CA THR A 62 30.56 -14.44 26.15
C THR A 62 30.38 -12.93 26.10
N TYR A 63 29.13 -12.46 26.20
CA TYR A 63 28.87 -11.04 26.21
C TYR A 63 29.55 -10.40 27.43
N PRO A 64 30.01 -9.16 27.32
CA PRO A 64 30.66 -8.49 28.44
C PRO A 64 29.60 -7.85 29.34
N ASN A 65 30.08 -7.19 30.41
CA ASN A 65 29.21 -6.40 31.27
C ASN A 65 28.65 -5.21 30.49
N ASN A 66 27.55 -4.66 31.00
CA ASN A 66 27.00 -3.41 30.48
C ASN A 66 27.49 -2.26 31.36
N CYS A 67 27.57 -1.07 30.78
CA CYS A 67 27.99 0.08 31.56
C CYS A 67 26.94 0.44 32.62
N GLN A 68 27.40 1.05 33.71
CA GLN A 68 26.49 1.47 34.78
C GLN A 68 25.50 2.49 34.26
N GLN A 69 24.23 2.32 34.63
CA GLN A 69 23.18 3.18 34.07
C GLN A 69 21.91 3.06 34.90
N TYR A 70 21.11 4.12 34.84
CA TYR A 70 19.74 4.09 35.35
C TYR A 70 18.96 2.96 34.69
N VAL A 71 18.40 2.05 35.49
CA VAL A 71 17.59 0.94 34.99
C VAL A 71 16.12 1.36 34.98
N ASP A 72 15.42 1.07 33.89
CA ASP A 72 14.01 1.43 33.71
C ASP A 72 13.12 0.44 34.47
N GLU A 73 12.36 0.92 35.45
CA GLU A 73 11.45 0.11 36.23
CA GLU A 73 11.43 0.06 36.16
C GLU A 73 10.00 0.61 36.10
N GLN A 74 9.70 1.39 35.06
CA GLN A 74 8.35 1.89 34.88
C GLN A 74 7.33 0.76 34.76
N PHE A 75 7.66 -0.29 34.03
CA PHE A 75 6.77 -1.42 33.81
C PHE A 75 7.54 -2.71 34.07
N PRO A 76 7.72 -3.08 35.34
CA PRO A 76 8.55 -4.26 35.67
C PRO A 76 8.00 -5.52 35.00
N GLY A 77 8.89 -6.26 34.34
CA GLY A 77 8.49 -7.48 33.67
C GLY A 77 7.92 -7.30 32.27
N PHE A 78 7.56 -6.09 31.89
CA PHE A 78 6.97 -5.88 30.58
C PHE A 78 8.05 -5.91 29.51
N SER A 79 7.94 -6.84 28.55
CA SER A 79 8.99 -7.01 27.54
C SER A 79 9.23 -5.74 26.75
N GLY A 80 8.20 -4.93 26.54
CA GLY A 80 8.36 -3.74 25.73
C GLY A 80 9.36 -2.75 26.30
N SER A 81 9.43 -2.66 27.63
CA SER A 81 10.45 -1.83 28.27
C SER A 81 11.68 -2.61 28.70
N GLU A 82 11.50 -3.87 29.14
CA GLU A 82 12.63 -4.68 29.61
C GLU A 82 13.60 -5.03 28.50
N MET A 83 13.15 -5.04 27.24
CA MET A 83 14.04 -5.34 26.12
C MET A 83 15.12 -4.29 25.92
N TRP A 84 15.01 -3.13 26.59
CA TRP A 84 15.99 -2.07 26.44
C TRP A 84 16.93 -1.96 27.63
N ASN A 85 16.63 -2.67 28.72
CA ASN A 85 17.39 -2.68 29.97
C ASN A 85 18.64 -3.56 29.85
N PRO A 86 19.64 -3.34 30.71
CA PRO A 86 20.81 -4.23 30.72
C PRO A 86 20.40 -5.67 30.99
N ASN A 87 20.86 -6.57 30.13
CA ASN A 87 20.66 -8.00 30.27
C ASN A 87 21.90 -8.70 30.78
N ARG A 88 22.93 -7.93 31.09
CA ARG A 88 24.13 -8.43 31.72
CA ARG A 88 24.17 -8.39 31.69
C ARG A 88 24.38 -7.62 32.99
N GLU A 89 25.31 -8.10 33.81
CA GLU A 89 25.66 -7.34 34.99
C GLU A 89 26.22 -5.98 34.58
N MET A 90 25.89 -4.95 35.35
CA MET A 90 26.45 -3.62 35.14
C MET A 90 27.79 -3.47 35.86
N SER A 91 28.66 -2.67 35.28
CA SER A 91 30.00 -2.44 35.82
C SER A 91 30.63 -1.26 35.10
N GLU A 92 31.40 -0.46 35.85
CA GLU A 92 32.26 0.53 35.20
C GLU A 92 33.27 -0.11 34.28
N ASP A 93 33.61 -1.39 34.50
CA ASP A 93 34.45 -2.15 33.59
C ASP A 93 33.58 -2.63 32.44
N CYS A 94 33.35 -1.75 31.47
CA CYS A 94 32.40 -2.09 30.42
C CYS A 94 32.86 -1.73 29.00
N LEU A 95 34.09 -1.27 28.80
CA LEU A 95 34.52 -0.82 27.48
C LEU A 95 34.98 -2.03 26.66
N TYR A 96 34.00 -2.67 26.02
CA TYR A 96 34.19 -3.87 25.21
C TYR A 96 33.44 -3.74 23.89
N LEU A 97 33.87 -4.51 22.89
CA LEU A 97 33.17 -4.58 21.62
C LEU A 97 32.95 -6.03 21.24
N ASN A 98 31.94 -6.22 20.38
CA ASN A 98 31.54 -7.53 19.86
C ASN A 98 31.64 -7.53 18.33
N ILE A 99 31.96 -8.70 17.77
CA ILE A 99 32.12 -8.83 16.33
C ILE A 99 31.43 -10.10 15.86
N TRP A 100 30.64 -9.99 14.80
CA TRP A 100 30.06 -11.15 14.11
C TRP A 100 30.71 -11.26 12.73
N VAL A 101 31.18 -12.46 12.39
CA VAL A 101 31.97 -12.69 11.18
C VAL A 101 31.35 -13.81 10.37
N PRO A 102 30.99 -13.59 9.10
CA PRO A 102 30.48 -14.69 8.28
C PRO A 102 31.45 -15.86 8.25
N SER A 103 30.91 -17.05 8.00
CA SER A 103 31.71 -18.26 7.95
C SER A 103 31.46 -19.02 6.65
N PRO A 104 32.52 -19.26 5.86
CA PRO A 104 33.93 -18.98 6.14
C PRO A 104 34.29 -17.50 6.16
N ARG A 105 35.38 -17.18 6.85
CA ARG A 105 35.79 -15.79 7.01
C ARG A 105 36.01 -15.15 5.64
N PRO A 106 35.42 -13.99 5.37
CA PRO A 106 35.72 -13.28 4.12
C PRO A 106 37.14 -12.71 4.15
N LYS A 107 37.59 -12.29 2.96
CA LYS A 107 38.92 -11.70 2.83
C LYS A 107 38.94 -10.26 3.33
N SER A 108 38.12 -9.39 2.73
CA SER A 108 38.03 -8.00 3.20
C SER A 108 36.66 -7.42 2.83
N THR A 109 35.65 -7.75 3.61
CA THR A 109 34.30 -7.37 3.27
C THR A 109 33.91 -6.08 3.99
N THR A 110 32.71 -5.61 3.66
CA THR A 110 32.18 -4.39 4.28
C THR A 110 31.99 -4.58 5.78
N VAL A 111 32.30 -3.54 6.52
CA VAL A 111 32.18 -3.50 7.98
C VAL A 111 31.10 -2.48 8.35
N MET A 112 30.20 -2.87 9.27
CA MET A 112 29.23 -1.95 9.87
C MET A 112 29.40 -1.96 11.39
N VAL A 113 29.48 -0.77 11.97
CA VAL A 113 29.74 -0.62 13.40
C VAL A 113 28.54 0.05 14.06
N TRP A 114 27.89 -0.66 14.97
CA TRP A 114 26.69 -0.19 15.65
C TRP A 114 27.01 0.59 16.92
N ILE A 115 26.33 1.73 17.09
CA ILE A 115 26.44 2.56 18.28
C ILE A 115 25.06 2.64 18.90
N TYR A 116 24.88 2.03 20.08
CA TYR A 116 23.55 2.02 20.69
C TYR A 116 23.14 3.41 21.16
N GLY A 117 21.83 3.61 21.23
CA GLY A 117 21.26 4.81 21.80
C GLY A 117 20.85 4.59 23.23
N GLY A 118 20.02 5.51 23.74
CA GLY A 118 19.63 5.50 25.13
C GLY A 118 19.87 6.84 25.80
N GLY A 119 19.70 7.92 25.04
CA GLY A 119 19.74 9.27 25.60
C GLY A 119 21.04 9.67 26.23
N PHE A 120 22.13 8.94 25.97
CA PHE A 120 23.44 9.12 26.58
C PHE A 120 23.45 8.84 28.08
N TYR A 121 22.35 8.32 28.63
CA TYR A 121 22.32 7.91 30.03
C TYR A 121 22.14 6.41 30.21
N SER A 122 21.86 5.67 29.13
CA SER A 122 21.58 4.25 29.18
C SER A 122 21.97 3.63 27.84
N GLY A 123 21.85 2.31 27.77
CA GLY A 123 22.13 1.56 26.56
C GLY A 123 23.12 0.43 26.81
N SER A 124 23.03 -0.62 25.97
CA SER A 124 23.88 -1.80 26.05
C SER A 124 24.12 -2.34 24.63
N SER A 125 25.32 -2.87 24.40
CA SER A 125 25.61 -3.53 23.12
C SER A 125 25.04 -4.94 23.04
N THR A 126 24.49 -5.46 24.14
CA THR A 126 24.20 -6.87 24.26
C THR A 126 22.71 -7.20 24.18
N LEU A 127 21.87 -6.20 23.91
CA LEU A 127 20.44 -6.42 23.82
C LEU A 127 20.13 -7.45 22.74
N ASP A 128 19.06 -8.21 22.97
CA ASP A 128 18.59 -9.15 21.97
C ASP A 128 18.36 -8.46 20.63
N VAL A 129 17.85 -7.22 20.66
CA VAL A 129 17.49 -6.53 19.42
C VAL A 129 18.73 -6.04 18.67
N TYR A 130 19.90 -5.98 19.32
CA TYR A 130 21.14 -5.66 18.61
C TYR A 130 21.93 -6.90 18.23
N ASN A 131 21.32 -8.09 18.29
CA ASN A 131 22.07 -9.30 17.97
C ASN A 131 22.53 -9.25 16.52
N GLY A 132 23.84 -9.18 16.32
CA GLY A 132 24.34 -8.92 14.98
C GLY A 132 24.39 -10.08 14.03
N LYS A 133 24.02 -11.28 14.49
CA LYS A 133 24.28 -12.48 13.68
C LYS A 133 23.40 -12.51 12.43
N TYR A 134 22.18 -12.00 12.50
CA TYR A 134 21.30 -12.12 11.34
C TYR A 134 21.77 -11.22 10.20
N LEU A 135 22.16 -9.99 10.52
CA LEU A 135 22.67 -9.07 9.51
C LEU A 135 24.00 -9.53 8.95
N ALA A 136 24.90 -10.01 9.81
CA ALA A 136 26.19 -10.49 9.34
C ALA A 136 26.02 -11.68 8.40
N TYR A 137 25.21 -12.65 8.80
CA TYR A 137 24.99 -13.84 7.98
C TYR A 137 24.29 -13.50 6.67
N THR A 138 23.18 -12.75 6.73
CA THR A 138 22.35 -12.55 5.55
C THR A 138 23.04 -11.67 4.53
N GLU A 139 23.67 -10.59 4.97
CA GLU A 139 24.29 -9.64 4.05
C GLU A 139 25.79 -9.84 3.91
N GLU A 140 26.39 -10.81 4.62
CA GLU A 140 27.81 -11.14 4.48
C GLU A 140 28.68 -9.95 4.83
N VAL A 141 28.32 -9.27 5.92
CA VAL A 141 29.13 -8.16 6.39
C VAL A 141 29.74 -8.57 7.73
N VAL A 142 30.83 -7.91 8.07
CA VAL A 142 31.37 -7.97 9.43
C VAL A 142 30.66 -6.92 10.27
N LEU A 143 29.96 -7.37 11.29
CA LEU A 143 29.13 -6.49 12.11
C LEU A 143 29.78 -6.33 13.48
N VAL A 144 30.12 -5.09 13.84
CA VAL A 144 30.67 -4.74 15.13
C VAL A 144 29.63 -3.96 15.92
N SER A 145 29.52 -4.23 17.21
CA SER A 145 28.82 -3.36 18.14
C SER A 145 29.78 -2.91 19.22
N LEU A 146 29.90 -1.59 19.42
CA LEU A 146 30.79 -1.07 20.46
C LEU A 146 29.98 -0.73 21.70
N SER A 147 30.68 -0.27 22.73
CA SER A 147 30.06 0.24 23.93
C SER A 147 30.74 1.54 24.30
N TYR A 148 30.11 2.29 25.20
CA TYR A 148 30.66 3.55 25.66
C TYR A 148 30.01 3.94 26.98
N ARG A 149 30.75 4.71 27.77
CA ARG A 149 30.26 5.13 29.08
C ARG A 149 29.10 6.08 28.91
N VAL A 150 28.08 5.96 29.77
CA VAL A 150 26.91 6.82 29.73
C VAL A 150 26.72 7.51 31.08
N GLY A 151 25.77 8.44 31.11
CA GLY A 151 25.47 9.19 32.31
C GLY A 151 26.68 10.01 32.73
N ALA A 152 26.76 10.29 34.03
CA ALA A 152 27.89 11.06 34.55
C ALA A 152 29.22 10.39 34.22
N PHE A 153 29.25 9.05 34.21
CA PHE A 153 30.48 8.33 33.91
C PHE A 153 31.01 8.66 32.52
N GLY A 154 30.13 9.00 31.59
CA GLY A 154 30.57 9.30 30.25
C GLY A 154 30.58 10.78 29.94
N PHE A 155 29.81 11.58 30.69
CA PHE A 155 29.60 12.95 30.21
C PHE A 155 29.61 14.02 31.30
N LEU A 156 30.04 13.70 32.51
CA LEU A 156 30.38 14.76 33.45
C LEU A 156 31.41 15.68 32.82
N ALA A 157 31.13 16.99 32.83
CA ALA A 157 31.92 17.95 32.06
C ALA A 157 32.29 19.14 32.93
N LEU A 158 33.56 19.21 33.33
CA LEU A 158 34.13 20.35 34.06
C LEU A 158 35.21 20.96 33.17
N HIS A 159 34.77 21.76 32.20
CA HIS A 159 35.69 22.26 31.18
C HIS A 159 36.83 23.05 31.81
N GLY A 160 38.03 22.85 31.26
CA GLY A 160 39.28 23.31 31.86
C GLY A 160 40.00 22.23 32.64
N SER A 161 39.25 21.33 33.25
CA SER A 161 39.83 20.22 33.98
C SER A 161 40.24 19.11 33.01
N GLN A 162 41.42 18.56 33.21
CA GLN A 162 41.84 17.38 32.49
C GLN A 162 41.42 16.10 33.19
N GLU A 163 40.86 16.20 34.39
CA GLU A 163 40.36 15.04 35.11
C GLU A 163 38.91 14.68 34.74
N ALA A 164 38.08 15.67 34.43
CA ALA A 164 36.71 15.43 33.97
C ALA A 164 36.39 16.40 32.85
N PRO A 165 36.99 16.20 31.67
CA PRO A 165 36.83 17.19 30.59
C PRO A 165 35.47 17.16 29.91
N GLY A 166 34.68 16.11 30.06
CA GLY A 166 33.50 15.92 29.25
C GLY A 166 33.78 15.14 27.98
N ASN A 167 32.70 14.62 27.38
CA ASN A 167 32.73 13.93 26.10
C ASN A 167 33.53 12.63 26.12
N VAL A 168 33.89 12.09 27.29
CA VAL A 168 34.75 10.91 27.29
C VAL A 168 34.00 9.70 26.73
N GLY A 169 32.68 9.65 26.89
CA GLY A 169 31.92 8.58 26.25
C GLY A 169 31.99 8.65 24.73
N LEU A 170 32.02 9.86 24.17
CA LEU A 170 32.31 9.99 22.74
C LEU A 170 33.74 9.54 22.41
N LEU A 171 34.70 9.75 23.32
CA LEU A 171 36.05 9.23 23.07
C LEU A 171 36.11 7.72 23.24
N ASP A 172 35.28 7.14 24.11
CA ASP A 172 35.17 5.68 24.15
C ASP A 172 34.78 5.14 22.77
N GLN A 173 33.73 5.73 22.18
CA GLN A 173 33.32 5.32 20.83
C GLN A 173 34.48 5.46 19.85
N ARG A 174 35.14 6.61 19.84
CA ARG A 174 36.24 6.83 18.90
C ARG A 174 37.35 5.81 19.10
N MET A 175 37.59 5.40 20.35
CA MET A 175 38.62 4.40 20.62
C MET A 175 38.23 3.03 20.07
N ALA A 176 36.96 2.66 20.20
CA ALA A 176 36.50 1.43 19.54
C ALA A 176 36.64 1.55 18.02
N LEU A 177 36.36 2.73 17.46
CA LEU A 177 36.54 2.91 16.02
C LEU A 177 38.02 2.80 15.65
N GLN A 178 38.91 3.37 16.46
CA GLN A 178 40.34 3.20 16.23
C GLN A 178 40.75 1.73 16.29
N TRP A 179 40.22 0.98 17.26
CA TRP A 179 40.51 -0.45 17.32
C TRP A 179 40.06 -1.18 16.06
N VAL A 180 38.85 -0.87 15.59
CA VAL A 180 38.35 -1.47 14.35
C VAL A 180 39.26 -1.11 13.18
N HIS A 181 39.64 0.17 13.11
CA HIS A 181 40.56 0.60 12.06
C HIS A 181 41.85 -0.22 12.06
N ASP A 182 42.38 -0.53 13.24
CA ASP A 182 43.67 -1.20 13.36
C ASP A 182 43.59 -2.71 13.26
N ASN A 183 42.44 -3.30 13.57
CA ASN A 183 42.37 -4.75 13.75
C ASN A 183 41.34 -5.46 12.90
N ILE A 184 40.38 -4.76 12.31
CA ILE A 184 39.25 -5.47 11.70
C ILE A 184 39.71 -6.29 10.50
N GLN A 185 40.82 -5.88 9.86
CA GLN A 185 41.35 -6.65 8.74
C GLN A 185 41.64 -8.10 9.15
N PHE A 186 41.97 -8.33 10.43
CA PHE A 186 42.28 -9.69 10.85
C PHE A 186 41.03 -10.54 11.02
N PHE A 187 39.86 -9.93 11.08
CA PHE A 187 38.60 -10.65 11.12
C PHE A 187 37.95 -10.72 9.75
N GLY A 188 38.67 -10.32 8.72
CA GLY A 188 38.12 -10.32 7.37
C GLY A 188 37.41 -9.05 6.96
N GLY A 189 37.57 -7.96 7.72
CA GLY A 189 36.88 -6.72 7.42
C GLY A 189 37.80 -5.71 6.75
N ASP A 190 37.22 -4.91 5.86
CA ASP A 190 37.98 -3.88 5.16
C ASP A 190 37.97 -2.61 5.99
N PRO A 191 39.09 -2.21 6.62
CA PRO A 191 39.09 -0.97 7.41
C PRO A 191 38.84 0.28 6.60
N LYS A 192 38.93 0.22 5.28
CA LYS A 192 38.60 1.37 4.43
C LYS A 192 37.13 1.43 4.04
N THR A 193 36.33 0.44 4.42
CA THR A 193 34.91 0.44 4.11
C THR A 193 34.11 0.14 5.38
N VAL A 194 34.26 1.01 6.37
CA VAL A 194 33.54 0.93 7.63
C VAL A 194 32.40 1.94 7.63
N THR A 195 31.18 1.46 7.85
CA THR A 195 30.00 2.32 8.04
C THR A 195 29.65 2.33 9.52
N ILE A 196 29.58 3.51 10.12
CA ILE A 196 29.06 3.61 11.48
C ILE A 196 27.56 3.87 11.42
N PHE A 197 26.80 3.15 12.24
CA PHE A 197 25.37 3.38 12.30
C PHE A 197 24.88 3.26 13.74
N GLY A 198 23.81 4.00 14.03
CA GLY A 198 23.23 4.01 15.37
C GLY A 198 21.89 4.71 15.38
N GLU A 199 21.16 4.49 16.48
CA GLU A 199 19.79 4.97 16.62
C GLU A 199 19.69 5.89 17.83
N SER A 200 18.92 6.96 17.67
CA SER A 200 18.63 7.92 18.74
C SER A 200 19.94 8.56 19.19
N ALA A 201 20.33 8.44 20.47
CA ALA A 201 21.63 8.96 20.89
C ALA A 201 22.76 8.32 20.10
N GLY A 202 22.59 7.07 19.67
CA GLY A 202 23.55 6.49 18.75
C GLY A 202 23.59 7.23 17.42
N GLY A 203 22.43 7.66 16.93
CA GLY A 203 22.42 8.44 15.69
C GLY A 203 23.03 9.81 15.86
N ALA A 204 22.67 10.52 16.94
CA ALA A 204 23.36 11.76 17.29
C ALA A 204 24.87 11.53 17.35
N SER A 205 25.29 10.44 17.98
CA SER A 205 26.71 10.11 18.08
C SER A 205 27.34 10.02 16.70
N VAL A 206 26.71 9.26 15.79
CA VAL A 206 27.22 9.12 14.44
C VAL A 206 27.42 10.49 13.80
N GLY A 207 26.43 11.37 13.95
CA GLY A 207 26.59 12.72 13.41
C GLY A 207 27.71 13.47 14.09
N MET A 208 27.91 13.24 15.38
CA MET A 208 28.98 13.93 16.07
C MET A 208 30.35 13.50 15.54
N HIS A 209 30.50 12.24 15.14
CA HIS A 209 31.78 11.80 14.56
C HIS A 209 31.97 12.35 13.15
N ILE A 210 30.89 12.57 12.40
CA ILE A 210 30.98 13.27 11.13
C ILE A 210 31.54 14.68 11.34
N LEU A 211 31.09 15.35 12.40
CA LEU A 211 31.53 16.72 12.67
C LEU A 211 32.95 16.79 13.21
N SER A 212 33.29 15.94 14.17
CA SER A 212 34.52 16.11 14.94
C SER A 212 35.77 15.76 14.12
N PRO A 213 36.71 16.70 13.93
CA PRO A 213 37.91 16.38 13.12
C PRO A 213 38.62 15.12 13.55
N GLY A 214 38.74 14.87 14.86
CA GLY A 214 39.45 13.70 15.38
C GLY A 214 38.82 12.36 15.05
N SER A 215 37.58 12.33 14.57
CA SER A 215 36.92 11.06 14.26
C SER A 215 36.81 10.78 12.77
N ARG A 216 36.94 11.81 11.93
CA ARG A 216 36.53 11.70 10.54
C ARG A 216 37.24 10.60 9.80
N ASP A 217 38.52 10.36 10.10
CA ASP A 217 39.26 9.37 9.34
C ASP A 217 39.08 7.94 9.85
N LEU A 218 38.21 7.72 10.84
CA LEU A 218 38.04 6.37 11.38
C LEU A 218 36.85 5.65 10.78
N PHE A 219 36.25 6.17 9.72
CA PHE A 219 35.13 5.47 9.11
C PHE A 219 34.91 6.04 7.71
N ARG A 220 34.15 5.28 6.91
CA ARG A 220 33.93 5.62 5.51
C ARG A 220 32.62 6.38 5.27
N ARG A 221 31.51 5.91 5.83
CA ARG A 221 30.22 6.58 5.65
C ARG A 221 29.35 6.30 6.87
N ALA A 222 28.13 6.83 6.87
CA ALA A 222 27.36 6.93 8.11
C ALA A 222 25.87 6.71 7.88
N ILE A 223 25.24 6.00 8.82
CA ILE A 223 23.78 5.83 8.87
C ILE A 223 23.27 6.36 10.20
N LEU A 224 22.24 7.21 10.16
CA LEU A 224 21.67 7.86 11.34
C LEU A 224 20.18 7.56 11.45
N GLN A 225 19.77 6.86 12.50
CA GLN A 225 18.37 6.47 12.68
C GLN A 225 17.75 7.23 13.85
N SER A 226 16.72 8.04 13.57
CA SER A 226 15.95 8.74 14.62
C SER A 226 16.84 9.53 15.56
N GLY A 227 17.90 10.14 15.02
CA GLY A 227 18.77 10.95 15.86
C GLY A 227 19.72 11.76 14.99
N SER A 228 20.18 12.91 15.47
CA SER A 228 21.10 13.73 14.69
C SER A 228 21.84 14.62 15.67
N PRO A 229 23.05 15.06 15.33
CA PRO A 229 23.94 15.63 16.36
C PRO A 229 23.41 16.94 16.92
N ASN A 230 22.56 17.64 16.20
CA ASN A 230 22.03 18.92 16.61
C ASN A 230 20.74 18.80 17.39
N CYS A 231 20.38 17.61 17.85
CA CYS A 231 19.12 17.46 18.57
C CYS A 231 19.15 18.27 19.85
N PRO A 232 18.02 18.87 20.25
CA PRO A 232 18.04 19.78 21.42
C PRO A 232 18.46 19.09 22.70
N TRP A 233 18.27 17.79 22.80
CA TRP A 233 18.63 17.02 23.98
C TRP A 233 20.04 16.44 23.94
N ALA A 234 20.75 16.53 22.81
CA ALA A 234 21.98 15.76 22.60
C ALA A 234 23.26 16.50 23.00
N SER A 235 23.18 17.77 23.40
CA SER A 235 24.38 18.51 23.79
C SER A 235 23.99 19.67 24.68
N VAL A 236 24.96 20.14 25.48
CA VAL A 236 24.83 21.31 26.34
C VAL A 236 26.07 22.19 26.17
N SER A 237 25.93 23.45 26.56
CA SER A 237 27.09 24.34 26.63
C SER A 237 28.06 23.90 27.74
N VAL A 238 29.30 24.41 27.66
CA VAL A 238 30.25 24.11 28.72
C VAL A 238 29.79 24.70 30.05
N ALA A 239 29.13 25.86 30.01
CA ALA A 239 28.62 26.45 31.25
C ALA A 239 27.53 25.57 31.86
N GLU A 240 26.57 25.13 31.05
CA GLU A 240 25.52 24.25 31.55
C GLU A 240 26.08 22.93 32.06
N GLY A 241 27.02 22.33 31.32
CA GLY A 241 27.68 21.14 31.83
C GLY A 241 28.35 21.37 33.17
N ARG A 242 29.03 22.52 33.31
CA ARG A 242 29.65 22.86 34.60
CA ARG A 242 29.65 22.87 34.59
C ARG A 242 28.59 23.03 35.67
N ARG A 243 27.50 23.72 35.37
CA ARG A 243 26.43 23.87 36.35
C ARG A 243 25.90 22.52 36.79
N ARG A 244 25.65 21.61 35.85
CA ARG A 244 25.06 20.33 36.22
C ARG A 244 26.04 19.49 37.04
N ALA A 245 27.32 19.51 36.68
CA ALA A 245 28.30 18.74 37.45
C ALA A 245 28.39 19.23 38.89
N VAL A 246 28.38 20.55 39.08
CA VAL A 246 28.40 21.10 40.43
C VAL A 246 27.13 20.72 41.18
N GLU A 247 25.98 20.87 40.52
CA GLU A 247 24.71 20.47 41.13
C GLU A 247 24.71 19.01 41.51
N LEU A 248 25.41 18.16 40.74
CA LEU A 248 25.51 16.76 41.11
C LEU A 248 26.33 16.60 42.40
N GLY A 249 27.41 17.36 42.53
CA GLY A 249 28.16 17.34 43.78
C GLY A 249 27.32 17.84 44.94
N ARG A 250 26.56 18.90 44.71
CA ARG A 250 25.71 19.44 45.77
C ARG A 250 24.70 18.39 46.24
N ASN A 251 24.17 17.59 45.32
CA ASN A 251 23.23 16.54 45.67
C ASN A 251 23.87 15.41 46.47
N LEU A 252 25.20 15.31 46.49
CA LEU A 252 25.88 14.27 47.25
C LEU A 252 26.70 14.85 48.40
N ASN A 253 26.44 16.11 48.76
CA ASN A 253 27.17 16.81 49.82
C ASN A 253 28.68 16.70 49.62
N CYS A 254 29.12 17.16 48.46
CA CYS A 254 30.53 17.19 48.08
C CYS A 254 31.12 18.57 48.34
N ASN A 255 32.42 18.59 48.58
CA ASN A 255 33.17 19.85 48.53
C ASN A 255 33.06 20.45 47.13
N LEU A 256 32.49 21.65 47.03
CA LEU A 256 32.29 22.30 45.74
C LEU A 256 33.30 23.41 45.47
N ASN A 257 34.37 23.50 46.26
CA ASN A 257 35.26 24.65 46.17
C ASN A 257 36.19 24.61 44.95
N SER A 258 36.56 23.42 44.48
CA SER A 258 37.43 23.33 43.32
C SER A 258 37.08 22.08 42.53
N ASP A 259 37.38 22.13 41.22
CA ASP A 259 37.19 20.97 40.37
C ASP A 259 37.91 19.76 40.95
N GLU A 260 39.13 19.95 41.43
CA GLU A 260 39.88 18.84 42.04
C GLU A 260 39.12 18.26 43.24
N GLU A 261 38.55 19.13 44.08
CA GLU A 261 37.79 18.63 45.22
C GLU A 261 36.51 17.96 44.79
N LEU A 262 35.74 18.62 43.91
CA LEU A 262 34.49 18.04 43.43
C LEU A 262 34.73 16.69 42.78
N ILE A 263 35.70 16.63 41.86
CA ILE A 263 35.98 15.38 41.16
C ILE A 263 36.41 14.29 42.15
N HIS A 264 37.28 14.63 43.10
CA HIS A 264 37.71 13.65 44.09
C HIS A 264 36.53 13.10 44.88
N CYS A 265 35.61 13.97 45.29
CA CYS A 265 34.43 13.51 46.00
C CYS A 265 33.62 12.53 45.14
N LEU A 266 33.34 12.93 43.90
CA LEU A 266 32.54 12.10 43.00
C LEU A 266 33.21 10.76 42.71
N ARG A 267 34.54 10.73 42.62
CA ARG A 267 35.22 9.46 42.35
C ARG A 267 35.09 8.46 43.49
N GLU A 268 34.69 8.89 44.68
CA GLU A 268 34.60 7.99 45.81
C GLU A 268 33.19 7.49 46.07
N LYS A 269 32.19 8.00 45.34
CA LYS A 269 30.85 7.44 45.47
C LYS A 269 30.74 6.15 44.67
N LYS A 270 29.92 5.24 45.17
CA LYS A 270 29.59 4.05 44.40
C LYS A 270 28.80 4.47 43.15
N PRO A 271 28.85 3.68 42.07
CA PRO A 271 28.16 4.10 40.84
C PRO A 271 26.67 4.36 41.05
N GLN A 272 25.98 3.46 41.76
CA GLN A 272 24.55 3.65 41.98
C GLN A 272 24.25 4.92 42.75
N GLU A 273 25.21 5.43 43.51
CA GLU A 273 25.03 6.71 44.20
C GLU A 273 24.94 7.86 43.21
N LEU A 274 25.76 7.85 42.16
CA LEU A 274 25.63 8.90 41.15
C LEU A 274 24.32 8.76 40.40
N ILE A 275 23.99 7.51 40.02
CA ILE A 275 22.78 7.27 39.24
C ILE A 275 21.55 7.72 40.00
N ASP A 276 21.52 7.52 41.32
CA ASP A 276 20.32 7.85 42.11
C ASP A 276 19.99 9.33 42.06
N VAL A 277 20.98 10.20 41.88
CA VAL A 277 20.72 11.64 41.87
C VAL A 277 20.82 12.25 40.48
N GLU A 278 21.07 11.43 39.46
CA GLU A 278 21.38 11.94 38.12
C GLU A 278 20.29 12.87 37.59
N TRP A 279 19.02 12.53 37.83
CA TRP A 279 17.94 13.31 37.25
C TRP A 279 17.71 14.65 37.93
N ASN A 280 18.40 14.93 39.05
CA ASN A 280 18.11 16.13 39.82
C ASN A 280 18.77 17.38 39.24
N VAL A 281 19.80 17.23 38.39
CA VAL A 281 20.54 18.39 37.92
C VAL A 281 19.92 19.05 36.70
N LEU A 282 18.85 18.48 36.16
CA LEU A 282 18.21 19.07 34.99
C LEU A 282 17.66 20.45 35.32
N PRO A 283 17.74 21.41 34.40
CA PRO A 283 17.27 22.77 34.72
C PRO A 283 15.75 22.88 34.84
N PHE A 284 14.98 22.02 34.19
CA PHE A 284 13.52 22.09 34.26
C PHE A 284 12.91 20.71 34.35
N ASP A 285 11.67 20.68 34.84
CA ASP A 285 10.82 19.52 34.64
C ASP A 285 10.54 19.36 33.16
N SER A 286 10.76 18.17 32.64
CA SER A 286 10.78 18.08 31.18
C SER A 286 10.74 16.62 30.77
N ILE A 287 10.43 16.42 29.50
CA ILE A 287 10.54 15.12 28.88
C ILE A 287 11.50 15.25 27.71
N PHE A 288 12.13 14.14 27.33
CA PHE A 288 13.15 14.13 26.28
C PHE A 288 14.29 15.10 26.60
N ARG A 289 14.70 15.13 27.87
CA ARG A 289 15.88 15.86 28.32
C ARG A 289 16.69 14.94 29.22
N PHE A 290 18.01 14.97 29.08
CA PHE A 290 18.89 14.03 29.77
C PHE A 290 20.02 14.79 30.45
N SER A 291 20.46 14.27 31.60
CA SER A 291 21.33 15.07 32.48
C SER A 291 22.73 15.22 31.91
N PHE A 292 23.40 14.13 31.57
CA PHE A 292 24.80 14.19 31.19
C PHE A 292 24.98 13.80 29.74
N VAL A 293 25.31 14.78 28.90
CA VAL A 293 25.33 14.61 27.45
C VAL A 293 26.58 15.32 26.91
N PRO A 294 26.93 15.16 25.63
CA PRO A 294 28.09 15.86 25.08
C PRO A 294 28.06 17.37 25.35
N VAL A 295 29.27 17.94 25.48
CA VAL A 295 29.45 19.38 25.66
C VAL A 295 30.12 19.96 24.42
N ILE A 296 29.66 21.13 23.99
CA ILE A 296 30.31 21.86 22.90
C ILE A 296 31.54 22.55 23.49
N ASP A 297 32.69 21.87 23.40
CA ASP A 297 33.85 22.17 24.24
C ASP A 297 34.95 22.92 23.51
N GLY A 298 34.82 23.17 22.20
CA GLY A 298 35.94 23.74 21.48
C GLY A 298 37.08 22.79 21.20
N GLU A 299 36.95 21.51 21.56
CA GLU A 299 37.99 20.51 21.29
C GLU A 299 37.44 19.34 20.48
N PHE A 300 36.57 18.50 21.05
CA PHE A 300 35.87 17.52 20.24
C PHE A 300 35.05 18.20 19.16
N PHE A 301 34.32 19.25 19.52
CA PHE A 301 33.65 20.13 18.57
C PHE A 301 34.39 21.46 18.55
N PRO A 302 35.12 21.80 17.47
CA PRO A 302 35.88 23.06 17.48
C PRO A 302 35.02 24.31 17.66
N THR A 303 33.85 24.38 16.99
CA THR A 303 32.92 25.48 17.22
C THR A 303 31.50 24.94 17.44
N SER A 304 30.53 25.85 17.49
CA SER A 304 29.13 25.46 17.62
C SER A 304 28.72 24.56 16.45
N LEU A 305 27.74 23.69 16.70
CA LEU A 305 27.34 22.75 15.66
C LEU A 305 26.77 23.47 14.46
N GLU A 306 26.00 24.55 14.71
CA GLU A 306 25.40 25.28 13.59
C GLU A 306 26.47 25.92 12.70
N SER A 307 27.49 26.54 13.30
CA SER A 307 28.54 27.16 12.49
C SER A 307 29.32 26.10 11.71
N MET A 308 29.56 24.93 12.32
CA MET A 308 30.18 23.83 11.58
C MET A 308 29.31 23.40 10.40
N LEU A 309 28.01 23.23 10.62
CA LEU A 309 27.12 22.83 9.53
C LEU A 309 27.04 23.91 8.46
N ASN A 310 27.00 25.18 8.87
CA ASN A 310 26.90 26.28 7.90
C ASN A 310 28.13 26.35 7.03
N SER A 311 29.32 26.12 7.60
CA SER A 311 30.56 26.33 6.89
C SER A 311 31.07 25.07 6.18
N GLY A 312 30.36 23.95 6.29
CA GLY A 312 30.85 22.70 5.74
C GLY A 312 31.99 22.08 6.49
N ASN A 313 32.12 22.38 7.79
CA ASN A 313 33.23 21.84 8.57
C ASN A 313 32.86 20.46 9.11
N PHE A 314 32.82 19.50 8.19
CA PHE A 314 32.49 18.12 8.56
C PHE A 314 32.98 17.18 7.47
N LYS A 315 32.98 15.89 7.79
CA LYS A 315 33.34 14.88 6.81
C LYS A 315 32.34 14.87 5.66
N LYS A 316 32.86 14.97 4.44
CA LYS A 316 32.04 14.95 3.24
C LYS A 316 32.05 13.55 2.67
N THR A 317 30.91 12.87 2.74
CA THR A 317 30.76 11.49 2.29
C THR A 317 29.28 11.25 1.98
N GLN A 318 28.86 9.99 1.92
CA GLN A 318 27.47 9.61 1.74
C GLN A 318 26.83 9.34 3.10
N ILE A 319 25.55 9.72 3.25
CA ILE A 319 24.81 9.41 4.47
C ILE A 319 23.46 8.84 4.09
N LEU A 320 22.95 7.96 4.96
CA LEU A 320 21.60 7.43 4.85
C LEU A 320 20.97 7.59 6.22
N LEU A 321 19.76 8.16 6.27
CA LEU A 321 19.20 8.54 7.56
C LEU A 321 17.70 8.71 7.44
N GLY A 322 17.03 8.74 8.59
CA GLY A 322 15.58 8.85 8.57
C GLY A 322 15.00 8.75 9.96
N VAL A 323 13.66 8.71 10.00
CA VAL A 323 12.89 8.83 11.23
C VAL A 323 11.70 7.87 11.20
N ASN A 324 11.12 7.66 12.39
CA ASN A 324 9.90 6.88 12.57
C ASN A 324 8.70 7.81 12.71
N LYS A 325 7.52 7.28 12.40
CA LYS A 325 6.32 8.10 12.36
C LYS A 325 5.93 8.63 13.74
N ASP A 326 6.18 7.89 14.81
CA ASP A 326 5.68 8.27 16.14
C ASP A 326 6.83 8.29 17.16
N GLU A 327 7.84 9.13 16.88
CA GLU A 327 9.00 9.22 17.76
C GLU A 327 8.61 9.61 19.18
N GLY A 328 7.56 10.40 19.35
CA GLY A 328 7.33 10.97 20.66
C GLY A 328 6.48 10.18 21.62
N SER A 329 5.83 9.09 21.18
CA SER A 329 4.73 8.53 21.95
C SER A 329 5.20 7.97 23.30
N PHE A 330 6.29 7.19 23.32
CA PHE A 330 6.65 6.60 24.60
C PHE A 330 7.19 7.63 25.58
N PHE A 331 7.70 8.77 25.11
CA PHE A 331 8.13 9.81 26.03
C PHE A 331 6.95 10.41 26.77
N LEU A 332 5.81 10.57 26.10
CA LEU A 332 4.63 11.13 26.78
C LEU A 332 4.01 10.11 27.73
N LEU A 333 3.91 8.84 27.30
CA LEU A 333 3.41 7.82 28.20
C LEU A 333 4.20 7.79 29.51
N TYR A 334 5.53 7.88 29.41
CA TYR A 334 6.40 7.79 30.58
C TYR A 334 6.34 9.04 31.44
N GLY A 335 6.28 10.22 30.81
CA GLY A 335 6.50 11.44 31.54
C GLY A 335 5.32 12.37 31.71
N ALA A 336 4.23 12.17 30.96
CA ALA A 336 3.10 13.07 31.09
C ALA A 336 1.94 12.34 31.79
N PRO A 337 1.62 12.71 33.03
CA PRO A 337 0.59 11.95 33.77
C PRO A 337 -0.77 11.87 33.10
N GLY A 338 -1.16 12.89 32.29
CA GLY A 338 -2.43 12.81 31.61
C GLY A 338 -2.56 11.63 30.66
N PHE A 339 -1.44 11.11 30.17
CA PHE A 339 -1.47 10.01 29.20
C PHE A 339 -1.83 8.66 29.81
N SER A 340 -2.05 8.55 31.13
CA SER A 340 -2.58 7.30 31.68
C SER A 340 -3.90 7.49 32.40
N LYS A 341 -4.55 8.65 32.25
CA LYS A 341 -5.91 8.81 32.77
C LYS A 341 -6.95 8.15 31.88
N ASP A 342 -6.58 7.69 30.69
CA ASP A 342 -7.52 7.20 29.70
C ASP A 342 -6.88 6.05 28.95
N SER A 343 -7.66 5.00 28.67
CA SER A 343 -7.10 3.78 28.12
C SER A 343 -6.43 4.02 26.78
N GLU A 344 -6.92 4.99 26.01
CA GLU A 344 -6.31 5.36 24.73
C GLU A 344 -5.49 6.63 24.83
N SER A 345 -5.28 7.14 26.03
CA SER A 345 -4.45 8.31 26.31
C SER A 345 -5.04 9.60 25.73
N LYS A 346 -6.36 9.66 25.51
CA LYS A 346 -7.01 10.94 25.23
C LYS A 346 -6.78 11.87 26.40
N ILE A 347 -6.51 13.13 26.11
CA ILE A 347 -6.14 14.08 27.16
C ILE A 347 -6.96 15.35 27.00
N SER A 348 -7.28 15.95 28.14
CA SER A 348 -8.00 17.21 28.17
C SER A 348 -7.13 18.33 27.59
N ARG A 349 -7.73 19.51 27.48
CA ARG A 349 -6.99 20.70 27.06
C ARG A 349 -5.96 21.13 28.12
N GLU A 350 -6.32 21.01 29.40
CA GLU A 350 -5.38 21.35 30.47
C GLU A 350 -4.13 20.47 30.43
N ASP A 351 -4.31 19.16 30.20
CA ASP A 351 -3.17 18.24 30.09
C ASP A 351 -2.35 18.50 28.84
N PHE A 352 -3.00 18.94 27.75
CA PHE A 352 -2.25 19.35 26.57
C PHE A 352 -1.32 20.52 26.90
N MET A 353 -1.87 21.58 27.51
CA MET A 353 -1.06 22.74 27.85
C MET A 353 0.06 22.39 28.80
N SER A 354 -0.24 21.57 29.81
CA SER A 354 0.81 21.11 30.73
CA SER A 354 0.80 21.10 30.73
C SER A 354 1.89 20.35 29.98
N GLY A 355 1.48 19.43 29.07
CA GLY A 355 2.46 18.69 28.30
C GLY A 355 3.31 19.57 27.41
N VAL A 356 2.72 20.62 26.83
CA VAL A 356 3.51 21.53 26.01
C VAL A 356 4.61 22.17 26.85
N LYS A 357 4.29 22.59 28.07
CA LYS A 357 5.31 23.13 28.96
C LYS A 357 6.43 22.11 29.21
N LEU A 358 6.06 20.87 29.49
CA LEU A 358 7.06 19.82 29.75
C LEU A 358 7.89 19.49 28.52
N SER A 359 7.33 19.67 27.33
CA SER A 359 8.01 19.22 26.12
C SER A 359 8.91 20.27 25.51
N VAL A 360 8.66 21.55 25.79
CA VAL A 360 9.51 22.61 25.27
C VAL A 360 9.99 23.41 26.49
N PRO A 361 10.82 22.81 27.35
CA PRO A 361 11.04 23.42 28.67
C PRO A 361 11.82 24.72 28.60
N HIS A 362 12.51 24.99 27.51
CA HIS A 362 13.29 26.21 27.38
C HIS A 362 12.48 27.40 26.88
N ALA A 363 11.25 27.18 26.43
CA ALA A 363 10.47 28.25 25.81
C ALA A 363 9.91 29.20 26.85
N ASN A 364 9.90 30.49 26.51
CA ASN A 364 9.19 31.47 27.31
C ASN A 364 7.70 31.35 27.03
N ASP A 365 6.90 32.14 27.75
CA ASP A 365 5.45 32.02 27.66
C ASP A 365 4.93 32.33 26.26
N LEU A 366 5.60 33.21 25.52
CA LEU A 366 5.18 33.50 24.15
C LEU A 366 5.52 32.36 23.21
N GLY A 367 6.62 31.67 23.46
CA GLY A 367 6.94 30.49 22.66
C GLY A 367 5.97 29.35 22.93
N LEU A 368 5.55 29.19 24.19
CA LEU A 368 4.53 28.18 24.50
C LEU A 368 3.23 28.46 23.73
N ASP A 369 2.77 29.72 23.71
CA ASP A 369 1.58 30.07 22.93
C ASP A 369 1.78 29.76 21.46
N ALA A 370 2.97 30.04 20.93
CA ALA A 370 3.24 29.77 19.53
C ALA A 370 3.13 28.28 19.24
N VAL A 371 3.78 27.45 20.08
CA VAL A 371 3.66 26.00 19.93
C VAL A 371 2.21 25.58 20.02
N THR A 372 1.51 26.05 21.06
CA THR A 372 0.11 25.70 21.26
C THR A 372 -0.72 26.02 20.03
N LEU A 373 -0.57 27.23 19.48
CA LEU A 373 -1.38 27.63 18.35
C LEU A 373 -1.09 26.77 17.14
N GLN A 374 0.19 26.44 16.93
CA GLN A 374 0.57 25.65 15.76
C GLN A 374 -0.02 24.24 15.80
N TYR A 375 -0.28 23.70 16.98
CA TYR A 375 -0.72 22.31 17.08
C TYR A 375 -2.13 22.14 17.63
N THR A 376 -2.93 23.20 17.73
CA THR A 376 -4.30 23.13 18.22
C THR A 376 -5.27 23.31 17.07
N ASP A 377 -6.29 22.47 17.01
CA ASP A 377 -7.43 22.69 16.13
C ASP A 377 -8.46 23.50 16.92
N TRP A 378 -8.52 24.79 16.67
CA TRP A 378 -9.38 25.67 17.46
C TRP A 378 -10.86 25.53 17.11
N MET A 379 -11.21 24.74 16.10
CA MET A 379 -12.59 24.34 15.89
C MET A 379 -13.02 23.22 16.84
N ASP A 380 -12.09 22.56 17.51
CA ASP A 380 -12.36 21.29 18.18
C ASP A 380 -11.30 21.03 19.24
N ASP A 381 -11.00 22.04 20.05
CA ASP A 381 -9.87 22.04 20.99
C ASP A 381 -10.09 21.16 22.21
N ASN A 382 -11.30 20.64 22.43
CA ASN A 382 -11.56 19.72 23.53
C ASN A 382 -11.57 18.27 23.07
N ASN A 383 -11.10 18.00 21.87
CA ASN A 383 -11.06 16.66 21.33
C ASN A 383 -9.86 15.93 21.92
N GLY A 384 -10.12 14.88 22.71
CA GLY A 384 -9.05 14.23 23.43
C GLY A 384 -8.08 13.52 22.51
N ILE A 385 -8.56 13.02 21.37
CA ILE A 385 -7.69 12.36 20.41
C ILE A 385 -6.80 13.38 19.70
N LYS A 386 -7.39 14.49 19.22
CA LYS A 386 -6.58 15.53 18.56
C LYS A 386 -5.58 16.12 19.53
N ASN A 387 -5.97 16.29 20.79
CA ASN A 387 -5.04 16.78 21.80
C ASN A 387 -3.88 15.81 22.02
N ARG A 388 -4.18 14.52 22.16
CA ARG A 388 -3.13 13.51 22.28
C ARG A 388 -2.19 13.53 21.07
N ASP A 389 -2.77 13.48 19.86
CA ASP A 389 -1.97 13.42 18.64
C ASP A 389 -1.15 14.70 18.45
N GLY A 390 -1.74 15.84 18.79
CA GLY A 390 -1.01 17.10 18.68
C GLY A 390 0.26 17.12 19.53
N LEU A 391 0.14 16.69 20.79
CA LEU A 391 1.30 16.68 21.67
C LEU A 391 2.31 15.59 21.29
N ASP A 392 1.81 14.44 20.85
CA ASP A 392 2.64 13.43 20.19
C ASP A 392 3.52 14.06 19.11
N ASP A 393 2.89 14.80 18.19
CA ASP A 393 3.66 15.40 17.09
C ASP A 393 4.65 16.44 17.62
N ILE A 394 4.23 17.26 18.60
CA ILE A 394 5.15 18.21 19.21
C ILE A 394 6.43 17.52 19.67
N VAL A 395 6.30 16.47 20.46
CA VAL A 395 7.48 15.82 21.03
C VAL A 395 8.35 15.23 19.92
N GLY A 396 7.74 14.55 18.95
CA GLY A 396 8.51 13.94 17.88
C GLY A 396 9.12 14.95 16.93
N ASP A 397 8.36 15.98 16.58
CA ASP A 397 8.88 17.01 15.69
C ASP A 397 10.03 17.78 16.33
N HIS A 398 9.82 18.24 17.57
CA HIS A 398 10.84 19.06 18.24
C HIS A 398 12.13 18.29 18.47
N ASN A 399 12.03 17.05 18.93
CA ASN A 399 13.19 16.33 19.43
C ASN A 399 13.88 15.47 18.40
N VAL A 400 13.18 15.03 17.36
CA VAL A 400 13.74 14.08 16.43
C VAL A 400 13.64 14.56 14.98
N ILE A 401 12.41 14.73 14.49
CA ILE A 401 12.22 14.87 13.04
C ILE A 401 12.80 16.19 12.55
N CYS A 402 12.42 17.29 13.15
CA CYS A 402 12.88 18.56 12.60
C CYS A 402 14.38 18.82 12.81
N PRO A 403 14.98 18.42 13.95
CA PRO A 403 16.45 18.53 14.03
C PRO A 403 17.14 17.72 12.94
N LEU A 404 16.63 16.52 12.68
CA LEU A 404 17.19 15.71 11.60
C LEU A 404 17.02 16.40 10.25
N MET A 405 15.84 16.97 9.98
CA MET A 405 15.64 17.64 8.70
C MET A 405 16.57 18.84 8.57
N HIS A 406 16.82 19.54 9.66
CA HIS A 406 17.80 20.63 9.62
C HIS A 406 19.17 20.10 9.25
N PHE A 407 19.57 19.00 9.88
CA PHE A 407 20.87 18.40 9.62
C PHE A 407 20.96 17.93 8.18
N VAL A 408 19.90 17.30 7.67
CA VAL A 408 19.98 16.72 6.34
C VAL A 408 20.09 17.81 5.27
N ASN A 409 19.39 18.95 5.47
CA ASN A 409 19.49 20.01 4.48
CA ASN A 409 19.47 20.06 4.52
C ASN A 409 20.84 20.72 4.55
N LYS A 410 21.39 20.92 5.76
CA LYS A 410 22.72 21.52 5.85
C LYS A 410 23.79 20.60 5.29
N TYR A 411 23.68 19.29 5.56
CA TYR A 411 24.73 18.37 5.14
C TYR A 411 24.75 18.23 3.63
N THR A 412 23.57 18.14 3.02
CA THR A 412 23.46 17.83 1.61
C THR A 412 24.04 18.94 0.73
N LYS A 413 24.19 20.16 1.25
CA LYS A 413 24.86 21.20 0.45
C LYS A 413 26.33 20.87 0.20
N PHE A 414 26.99 20.19 1.13
CA PHE A 414 28.41 19.88 0.97
C PHE A 414 28.73 18.42 0.76
N GLY A 415 27.85 17.50 1.16
CA GLY A 415 28.17 16.09 1.16
C GLY A 415 28.18 15.46 -0.22
N ASN A 416 28.39 14.14 -0.25
CA ASN A 416 28.57 13.41 -1.49
C ASN A 416 27.46 12.40 -1.74
N GLY A 417 26.31 12.59 -1.12
CA GLY A 417 25.14 11.75 -1.38
C GLY A 417 24.30 11.48 -0.15
N THR A 418 23.02 11.84 -0.20
CA THR A 418 22.09 11.71 0.92
C THR A 418 20.89 10.86 0.53
N TYR A 419 20.55 9.89 1.37
CA TYR A 419 19.36 9.05 1.22
C TYR A 419 18.51 9.17 2.48
N LEU A 420 17.26 9.58 2.32
CA LEU A 420 16.37 9.88 3.43
C LEU A 420 15.18 8.92 3.44
N TYR A 421 14.80 8.42 4.62
CA TYR A 421 13.66 7.51 4.73
C TYR A 421 12.68 7.97 5.80
N PHE A 422 11.47 7.42 5.72
CA PHE A 422 10.40 7.62 6.70
C PHE A 422 9.82 6.24 7.01
N PHE A 423 10.15 5.71 8.19
CA PHE A 423 9.70 4.37 8.58
C PHE A 423 8.35 4.49 9.26
N ASN A 424 7.32 3.87 8.68
CA ASN A 424 5.97 4.05 9.21
C ASN A 424 5.21 2.73 9.21
N HIS A 425 5.91 1.62 9.47
CA HIS A 425 5.26 0.33 9.65
C HIS A 425 5.14 -0.01 11.12
N ARG A 426 3.92 -0.30 11.55
CA ARG A 426 3.69 -0.79 12.91
C ARG A 426 3.75 -2.31 12.90
N ALA A 427 4.68 -2.89 13.67
CA ALA A 427 4.88 -4.34 13.67
C ALA A 427 3.61 -5.07 14.12
N SER A 428 3.33 -6.18 13.46
CA SER A 428 2.11 -6.94 13.73
C SER A 428 2.09 -7.56 15.13
N ASN A 429 3.26 -7.74 15.76
CA ASN A 429 3.38 -8.37 17.06
C ASN A 429 3.73 -7.37 18.15
N LEU A 430 3.53 -6.07 17.91
CA LEU A 430 3.94 -5.07 18.89
C LEU A 430 3.18 -5.27 20.18
N VAL A 431 3.87 -5.05 21.32
CA VAL A 431 3.26 -5.22 22.62
C VAL A 431 2.74 -3.92 23.20
N TRP A 432 3.08 -2.76 22.60
CA TRP A 432 2.59 -1.46 23.04
C TRP A 432 1.23 -1.17 22.45
N PRO A 433 0.41 -0.35 23.12
CA PRO A 433 -0.92 -0.01 22.59
C PRO A 433 -0.85 0.66 21.23
N GLU A 434 -1.95 0.49 20.48
CA GLU A 434 -1.99 0.90 19.09
C GLU A 434 -1.81 2.41 18.92
N TRP A 435 -2.28 3.22 19.89
CA TRP A 435 -2.18 4.67 19.72
C TRP A 435 -0.73 5.13 19.63
N MET A 436 0.19 4.39 20.25
CA MET A 436 1.59 4.79 20.24
C MET A 436 2.22 4.70 18.86
N GLY A 437 1.59 3.98 17.93
CA GLY A 437 2.03 3.99 16.54
C GLY A 437 3.39 3.34 16.34
N VAL A 438 4.21 3.97 15.51
CA VAL A 438 5.52 3.45 15.16
C VAL A 438 6.52 4.11 16.12
N ILE A 439 6.91 3.38 17.15
CA ILE A 439 7.56 3.94 18.33
C ILE A 439 9.05 4.14 18.06
N HIS A 440 9.60 5.17 18.71
CA HIS A 440 11.04 5.39 18.80
C HIS A 440 11.77 4.09 19.10
N GLY A 441 12.61 3.65 18.16
CA GLY A 441 13.38 2.44 18.35
C GLY A 441 12.84 1.20 17.66
N TYR A 442 11.62 1.24 17.12
CA TYR A 442 11.05 -0.01 16.64
C TYR A 442 11.31 -0.28 15.15
N GLU A 443 12.12 0.54 14.49
CA GLU A 443 12.68 0.12 13.21
C GLU A 443 13.92 -0.74 13.39
N ILE A 444 14.51 -0.73 14.59
CA ILE A 444 15.78 -1.40 14.84
C ILE A 444 15.65 -2.90 14.59
N GLU A 445 14.57 -3.51 15.06
CA GLU A 445 14.40 -4.96 14.89
C GLU A 445 14.30 -5.34 13.41
N PHE A 446 13.83 -4.42 12.56
CA PHE A 446 13.83 -4.69 11.13
C PHE A 446 15.24 -4.58 10.55
N VAL A 447 16.00 -3.56 10.96
CA VAL A 447 17.39 -3.41 10.54
C VAL A 447 18.23 -4.63 10.97
N PHE A 448 17.93 -5.20 12.13
CA PHE A 448 18.75 -6.32 12.61
C PHE A 448 18.19 -7.69 12.22
N GLY A 449 17.12 -7.74 11.42
CA GLY A 449 16.73 -9.00 10.81
C GLY A 449 15.91 -9.91 11.67
N LEU A 450 15.43 -9.44 12.82
CA LEU A 450 14.61 -10.27 13.69
C LEU A 450 13.39 -10.89 13.01
N PRO A 451 12.67 -10.23 12.10
CA PRO A 451 11.54 -10.91 11.43
C PRO A 451 11.92 -12.18 10.67
N LEU A 452 13.21 -12.42 10.43
CA LEU A 452 13.64 -13.66 9.81
C LEU A 452 13.51 -14.86 10.74
N VAL A 453 13.28 -14.64 12.03
CA VAL A 453 13.19 -15.71 13.01
C VAL A 453 11.73 -16.11 13.14
N LYS A 454 11.39 -17.29 12.59
CA LYS A 454 9.99 -17.71 12.52
C LYS A 454 9.29 -17.64 13.88
N GLU A 455 9.95 -18.13 14.93
CA GLU A 455 9.30 -18.18 16.24
C GLU A 455 9.03 -16.79 16.82
N LEU A 456 9.55 -15.72 16.23
CA LEU A 456 9.23 -14.37 16.71
C LEU A 456 7.90 -13.86 16.16
N ASN A 457 7.26 -14.61 15.28
CA ASN A 457 5.86 -14.38 14.91
C ASN A 457 5.65 -13.06 14.17
N TYR A 458 6.57 -12.71 13.27
CA TYR A 458 6.27 -11.63 12.33
C TYR A 458 5.57 -12.22 11.10
N THR A 459 4.94 -11.34 10.32
CA THR A 459 4.28 -11.82 9.11
C THR A 459 5.31 -12.06 8.01
N ALA A 460 4.86 -12.72 6.94
CA ALA A 460 5.69 -12.89 5.76
C ALA A 460 6.08 -11.54 5.18
N GLU A 461 5.13 -10.61 5.14
CA GLU A 461 5.41 -9.27 4.62
C GLU A 461 6.50 -8.59 5.44
N GLU A 462 6.50 -8.81 6.76
CA GLU A 462 7.48 -8.15 7.60
C GLU A 462 8.86 -8.76 7.45
N GLU A 463 8.94 -10.08 7.21
CA GLU A 463 10.23 -10.67 6.87
C GLU A 463 10.79 -10.06 5.59
N ALA A 464 9.93 -9.89 4.58
CA ALA A 464 10.37 -9.28 3.33
C ALA A 464 10.78 -7.83 3.55
N LEU A 465 10.06 -7.09 4.41
CA LEU A 465 10.48 -5.72 4.71
C LEU A 465 11.85 -5.71 5.39
N SER A 466 12.05 -6.58 6.39
CA SER A 466 13.35 -6.69 7.06
C SER A 466 14.46 -7.01 6.07
N ARG A 467 14.22 -7.96 5.16
CA ARG A 467 15.23 -8.28 4.17
C ARG A 467 15.53 -7.10 3.26
N ARG A 468 14.49 -6.34 2.87
CA ARG A 468 14.72 -5.17 2.04
CA ARG A 468 14.70 -5.15 2.04
C ARG A 468 15.57 -4.13 2.76
N ILE A 469 15.26 -3.87 4.04
CA ILE A 469 15.97 -2.86 4.82
C ILE A 469 17.42 -3.27 5.06
N MET A 470 17.66 -4.53 5.42
CA MET A 470 19.03 -5.00 5.63
C MET A 470 19.87 -4.84 4.36
N HIS A 471 19.27 -5.16 3.22
CA HIS A 471 20.00 -5.05 1.97
C HIS A 471 20.25 -3.61 1.59
N TYR A 472 19.27 -2.71 1.78
CA TYR A 472 19.52 -1.29 1.60
C TYR A 472 20.69 -0.84 2.46
N TRP A 473 20.66 -1.22 3.74
CA TRP A 473 21.67 -0.78 4.69
C TRP A 473 23.05 -1.30 4.29
N ALA A 474 23.15 -2.60 3.99
CA ALA A 474 24.44 -3.19 3.65
C ALA A 474 24.94 -2.72 2.30
N THR A 475 24.06 -2.67 1.28
CA THR A 475 24.46 -2.18 -0.03
C THR A 475 24.93 -0.73 0.05
N PHE A 476 24.24 0.09 0.86
CA PHE A 476 24.74 1.44 1.13
C PHE A 476 26.10 1.39 1.83
N ALA A 477 26.26 0.54 2.84
CA ALA A 477 27.54 0.43 3.52
C ALA A 477 28.66 0.05 2.54
N LYS A 478 28.34 -0.85 1.60
CA LYS A 478 29.34 -1.37 0.67
C LYS A 478 29.69 -0.35 -0.43
N THR A 479 28.70 0.42 -0.92
CA THR A 479 28.86 1.21 -2.12
C THR A 479 28.56 2.69 -1.97
N GLY A 480 27.96 3.14 -0.86
CA GLY A 480 27.51 4.52 -0.78
C GLY A 480 26.18 4.79 -1.43
N ASN A 481 25.45 3.76 -1.84
CA ASN A 481 24.17 3.85 -2.53
C ASN A 481 23.35 2.64 -2.10
N PRO A 482 22.14 2.83 -1.53
CA PRO A 482 21.38 1.66 -1.04
C PRO A 482 20.82 0.81 -2.16
N ASN A 483 20.77 1.33 -3.40
CA ASN A 483 20.17 0.64 -4.52
C ASN A 483 21.21 -0.26 -5.19
N GLU A 484 20.74 -1.38 -5.74
CA GLU A 484 21.55 -2.12 -6.67
C GLU A 484 21.20 -1.68 -8.09
N PRO A 485 21.98 -0.80 -8.71
CA PRO A 485 21.70 -0.48 -10.12
C PRO A 485 21.96 -1.73 -10.95
N HIS A 486 21.27 -1.80 -12.09
CA HIS A 486 21.07 -2.95 -12.97
C HIS A 486 19.94 -3.84 -12.47
N SER A 487 19.46 -3.68 -11.23
CA SER A 487 18.30 -4.44 -10.79
C SER A 487 17.02 -3.81 -11.34
N GLN A 488 15.95 -4.59 -11.33
CA GLN A 488 14.66 -4.10 -11.79
C GLN A 488 13.87 -3.40 -10.69
N GLU A 489 14.32 -3.51 -9.44
CA GLU A 489 13.58 -2.96 -8.31
C GLU A 489 13.42 -1.44 -8.43
N SER A 490 12.43 -0.92 -7.71
CA SER A 490 12.24 0.51 -7.60
C SER A 490 13.47 1.14 -6.94
N LYS A 491 13.81 2.36 -7.36
CA LYS A 491 15.03 3.00 -6.92
C LYS A 491 14.72 4.04 -5.84
N TRP A 492 15.44 3.95 -4.74
CA TRP A 492 15.43 4.98 -3.71
C TRP A 492 16.22 6.17 -4.22
N PRO A 493 15.59 7.31 -4.50
CA PRO A 493 16.33 8.42 -5.12
C PRO A 493 17.12 9.20 -4.09
N LEU A 494 18.18 9.84 -4.59
CA LEU A 494 18.96 10.76 -3.78
C LEU A 494 18.09 11.88 -3.23
N PHE A 495 18.33 12.26 -1.98
CA PHE A 495 17.83 13.51 -1.44
C PHE A 495 18.71 14.65 -1.96
N THR A 496 18.11 15.62 -2.63
CA THR A 496 18.86 16.77 -3.14
C THR A 496 18.33 18.06 -2.54
N THR A 497 19.20 19.07 -2.49
CA THR A 497 18.80 20.37 -1.98
C THR A 497 17.54 20.89 -2.65
N LYS A 498 17.36 20.59 -3.93
CA LYS A 498 16.25 21.17 -4.67
C LYS A 498 14.97 20.36 -4.55
N GLU A 499 15.05 19.05 -4.76
CA GLU A 499 13.84 18.21 -4.78
CA GLU A 499 13.84 18.22 -4.79
C GLU A 499 13.52 17.59 -3.44
N GLN A 500 14.51 17.45 -2.55
CA GLN A 500 14.28 17.01 -1.18
C GLN A 500 13.45 15.73 -1.08
N LYS A 501 13.78 14.73 -1.90
CA LYS A 501 13.00 13.51 -1.95
C LYS A 501 13.37 12.54 -0.82
N PHE A 502 12.36 11.75 -0.41
CA PHE A 502 12.55 10.65 0.54
C PHE A 502 11.57 9.55 0.20
N ILE A 503 11.80 8.35 0.74
CA ILE A 503 10.90 7.22 0.55
C ILE A 503 10.30 6.79 1.89
N ASP A 504 9.15 6.12 1.81
CA ASP A 504 8.60 5.41 2.95
C ASP A 504 9.24 4.04 3.04
N LEU A 505 9.39 3.55 4.27
CA LEU A 505 9.80 2.17 4.51
C LEU A 505 8.65 1.48 5.22
N ASN A 506 7.98 0.59 4.51
CA ASN A 506 6.84 -0.15 5.03
C ASN A 506 6.61 -1.35 4.11
N THR A 507 5.46 -1.99 4.24
CA THR A 507 5.23 -3.22 3.46
C THR A 507 4.60 -2.96 2.10
N GLU A 508 4.24 -1.73 1.79
CA GLU A 508 3.64 -1.35 0.52
C GLU A 508 4.72 -1.07 -0.51
N PRO A 509 4.37 -1.11 -1.81
CA PRO A 509 5.32 -0.66 -2.84
C PRO A 509 5.83 0.74 -2.57
N MET A 510 7.07 0.97 -2.98
CA MET A 510 7.80 2.19 -2.63
C MET A 510 7.06 3.42 -3.12
N LYS A 511 7.03 4.45 -2.27
CA LYS A 511 6.51 5.77 -2.62
C LYS A 511 7.60 6.79 -2.42
N VAL A 512 7.73 7.71 -3.37
CA VAL A 512 8.64 8.82 -3.24
C VAL A 512 7.84 10.05 -2.84
N HIS A 513 8.28 10.72 -1.80
CA HIS A 513 7.69 11.99 -1.39
C HIS A 513 8.78 13.05 -1.39
N GLN A 514 8.39 14.28 -1.04
CA GLN A 514 9.29 15.42 -0.96
C GLN A 514 8.98 16.23 0.28
N ARG A 515 10.03 16.86 0.84
CA ARG A 515 9.90 17.85 1.90
C ARG A 515 9.25 17.25 3.15
N LEU A 516 9.91 16.26 3.72
CA LEU A 516 9.45 15.61 4.93
C LEU A 516 9.09 16.61 6.02
N ARG A 517 7.81 16.61 6.42
CA ARG A 517 7.19 17.49 7.40
C ARG A 517 7.66 18.94 7.34
N VAL A 518 7.75 19.48 6.13
CA VAL A 518 8.32 20.82 5.93
C VAL A 518 7.52 21.88 6.70
N GLN A 519 6.20 21.74 6.79
CA GLN A 519 5.41 22.82 7.39
C GLN A 519 5.78 23.03 8.86
N MET A 520 5.74 21.94 9.64
CA MET A 520 6.10 22.05 11.06
C MET A 520 7.58 22.30 11.25
N CYS A 521 8.43 21.78 10.37
CA CYS A 521 9.86 21.96 10.61
C CYS A 521 10.32 23.38 10.29
N VAL A 522 9.60 24.09 9.42
CA VAL A 522 9.85 25.52 9.29
C VAL A 522 9.54 26.23 10.61
N PHE A 523 8.45 25.83 11.27
CA PHE A 523 8.15 26.38 12.59
C PHE A 523 9.27 26.08 13.57
N TRP A 524 9.69 24.81 13.67
CA TRP A 524 10.68 24.45 14.68
C TRP A 524 12.07 24.99 14.35
N ASN A 525 12.45 24.97 13.06
CA ASN A 525 13.83 25.27 12.70
C ASN A 525 14.08 26.73 12.38
N GLN A 526 13.06 27.49 11.99
CA GLN A 526 13.27 28.88 11.61
C GLN A 526 12.45 29.86 12.46
N PHE A 527 11.14 29.68 12.56
CA PHE A 527 10.34 30.69 13.25
C PHE A 527 10.55 30.65 14.76
N LEU A 528 10.36 29.49 15.39
CA LEU A 528 10.39 29.48 16.85
C LEU A 528 11.73 29.92 17.44
N PRO A 529 12.89 29.52 16.91
CA PRO A 529 14.17 30.06 17.44
C PRO A 529 14.29 31.56 17.27
N LYS A 530 13.79 32.11 16.16
CA LYS A 530 13.78 33.56 16.02
C LYS A 530 12.90 34.22 17.08
N LEU A 531 11.73 33.62 17.37
CA LEU A 531 10.89 34.15 18.43
C LEU A 531 11.58 34.11 19.79
N LEU A 532 12.23 32.99 20.12
CA LEU A 532 12.91 32.88 21.41
C LEU A 532 14.16 33.75 21.48
N ASN A 533 14.80 34.00 20.34
CA ASN A 533 15.93 34.93 20.28
C ASN A 533 15.48 36.36 20.50
N ALA A 534 14.26 36.70 20.06
CA ALA A 534 13.76 38.07 20.16
C ALA A 534 13.51 38.45 21.62
N THR A 535 12.67 37.69 22.30
CA THR A 535 12.43 37.82 23.72
C THR A 535 13.45 36.97 24.47
N SER B 4 -2.90 -35.32 -22.82
CA SER B 4 -1.90 -34.84 -23.78
C SER B 4 -2.46 -33.64 -24.56
N GLU B 5 -3.61 -33.87 -25.19
CA GLU B 5 -4.43 -32.75 -25.62
C GLU B 5 -4.79 -31.84 -24.45
N LEU B 6 -4.84 -32.41 -23.25
CA LEU B 6 -5.22 -31.69 -22.03
C LEU B 6 -4.03 -31.12 -21.29
N LEU B 7 -2.83 -31.19 -21.87
CA LEU B 7 -1.60 -30.73 -21.23
C LEU B 7 -1.00 -29.64 -22.09
N VAL B 8 -0.83 -28.45 -21.52
CA VAL B 8 -0.41 -27.28 -22.27
C VAL B 8 0.67 -26.56 -21.50
N ASN B 9 1.78 -26.24 -22.17
CA ASN B 9 2.87 -25.48 -21.58
CA ASN B 9 2.87 -25.47 -21.58
C ASN B 9 2.68 -24.00 -21.93
N THR B 10 2.48 -23.16 -20.91
CA THR B 10 2.27 -21.74 -21.15
C THR B 10 3.45 -20.93 -20.62
N LYS B 11 3.46 -19.64 -20.98
CA LYS B 11 4.49 -18.75 -20.51
C LYS B 11 4.43 -18.54 -18.99
N SER B 12 3.36 -18.98 -18.33
CA SER B 12 3.26 -18.91 -16.88
C SER B 12 3.44 -20.26 -16.20
N GLY B 13 3.55 -21.34 -16.96
CA GLY B 13 3.69 -22.67 -16.36
C GLY B 13 2.82 -23.68 -17.08
N LYS B 14 2.93 -24.96 -16.73
CA LYS B 14 2.11 -25.99 -17.38
C LYS B 14 0.74 -26.05 -16.73
N VAL B 15 -0.28 -26.35 -17.53
CA VAL B 15 -1.65 -26.47 -17.09
CA VAL B 15 -1.64 -26.50 -17.03
C VAL B 15 -2.20 -27.82 -17.55
N MET B 16 -3.02 -28.45 -16.72
CA MET B 16 -3.71 -29.68 -17.05
C MET B 16 -5.22 -29.43 -17.01
N GLY B 17 -5.87 -29.59 -18.15
CA GLY B 17 -7.30 -29.42 -18.25
C GLY B 17 -8.03 -30.73 -18.11
N THR B 18 -9.29 -30.73 -18.57
CA THR B 18 -10.16 -31.88 -18.42
C THR B 18 -11.04 -32.00 -19.66
N ARG B 19 -11.37 -33.24 -20.01
CA ARG B 19 -12.26 -33.52 -21.13
CA ARG B 19 -12.26 -33.54 -21.12
C ARG B 19 -13.70 -33.46 -20.64
N VAL B 20 -14.50 -32.59 -21.25
CA VAL B 20 -15.87 -32.45 -20.78
C VAL B 20 -16.84 -32.83 -21.90
N PRO B 21 -17.98 -33.44 -21.58
CA PRO B 21 -18.96 -33.76 -22.61
C PRO B 21 -19.71 -32.52 -23.06
N VAL B 22 -19.98 -32.45 -24.35
CA VAL B 22 -20.80 -31.39 -24.93
C VAL B 22 -21.69 -32.02 -25.99
N LEU B 23 -23.00 -31.92 -25.79
CA LEU B 23 -23.98 -32.54 -26.66
C LEU B 23 -23.63 -34.02 -26.79
N SER B 24 -23.46 -34.51 -28.02
CA SER B 24 -23.09 -35.91 -28.21
C SER B 24 -21.62 -36.08 -28.54
N SER B 25 -20.76 -35.19 -28.05
CA SER B 25 -19.33 -35.27 -28.34
C SER B 25 -18.56 -34.86 -27.08
N HIS B 26 -17.32 -34.43 -27.26
CA HIS B 26 -16.50 -34.00 -26.13
C HIS B 26 -15.59 -32.86 -26.59
N ILE B 27 -15.18 -32.04 -25.61
CA ILE B 27 -14.33 -30.87 -25.84
C ILE B 27 -13.33 -30.76 -24.68
N SER B 28 -12.27 -29.99 -24.88
CA SER B 28 -11.31 -29.74 -23.81
C SER B 28 -11.67 -28.46 -23.06
N ALA B 29 -11.52 -28.49 -21.74
CA ALA B 29 -11.74 -27.32 -20.90
C ALA B 29 -10.56 -27.15 -19.95
N PHE B 30 -10.11 -25.91 -19.82
CA PHE B 30 -9.05 -25.53 -18.89
C PHE B 30 -9.65 -24.50 -17.94
N LEU B 31 -9.99 -24.92 -16.72
CA LEU B 31 -10.84 -24.15 -15.82
C LEU B 31 -10.01 -23.60 -14.67
N GLY B 32 -10.20 -22.33 -14.35
CA GLY B 32 -9.51 -21.73 -13.23
C GLY B 32 -8.01 -21.55 -13.42
N ILE B 33 -7.61 -21.07 -14.60
CA ILE B 33 -6.21 -20.69 -14.82
C ILE B 33 -5.96 -19.32 -14.21
N PRO B 34 -4.98 -19.18 -13.32
CA PRO B 34 -4.70 -17.87 -12.72
C PRO B 34 -3.97 -16.95 -13.68
N PHE B 35 -4.41 -15.69 -13.74
CA PHE B 35 -3.71 -14.73 -14.57
C PHE B 35 -3.11 -13.60 -13.75
N ALA B 36 -3.36 -13.55 -12.45
CA ALA B 36 -2.85 -12.49 -11.60
C ALA B 36 -2.47 -13.06 -10.25
N GLU B 37 -1.61 -12.34 -9.53
CA GLU B 37 -1.39 -12.65 -8.12
C GLU B 37 -2.68 -12.40 -7.36
N PRO B 38 -3.04 -13.24 -6.39
CA PRO B 38 -4.27 -13.03 -5.63
C PRO B 38 -4.26 -11.65 -5.00
N PRO B 39 -5.25 -10.81 -5.31
CA PRO B 39 -5.26 -9.43 -4.81
C PRO B 39 -5.73 -9.35 -3.36
N VAL B 40 -5.02 -10.06 -2.47
CA VAL B 40 -5.46 -10.20 -1.09
C VAL B 40 -4.53 -9.39 -0.17
N GLY B 41 -4.98 -9.21 1.08
CA GLY B 41 -4.17 -8.52 2.07
C GLY B 41 -3.85 -7.09 1.72
N ASN B 42 -2.55 -6.79 1.66
CA ASN B 42 -2.10 -5.47 1.25
C ASN B 42 -2.37 -5.17 -0.21
N MET B 43 -2.64 -6.18 -1.02
CA MET B 43 -2.93 -5.94 -2.42
C MET B 43 -4.40 -5.60 -2.69
N ARG B 44 -5.24 -5.61 -1.65
CA ARG B 44 -6.63 -5.19 -1.84
C ARG B 44 -6.69 -3.74 -2.31
N PHE B 45 -7.48 -3.48 -3.36
CA PHE B 45 -7.71 -2.21 -4.04
C PHE B 45 -6.55 -1.85 -4.96
N ARG B 46 -5.47 -2.62 -4.99
CA ARG B 46 -4.29 -2.31 -5.79
CA ARG B 46 -4.32 -2.28 -5.80
C ARG B 46 -4.47 -2.83 -7.21
N ARG B 47 -3.73 -2.20 -8.14
CA ARG B 47 -3.63 -2.71 -9.50
C ARG B 47 -3.22 -4.18 -9.48
N PRO B 48 -3.70 -5.00 -10.40
CA PRO B 48 -3.27 -6.40 -10.40
C PRO B 48 -1.81 -6.49 -10.78
N GLU B 49 -1.16 -7.53 -10.26
CA GLU B 49 0.19 -7.96 -10.61
C GLU B 49 0.14 -9.27 -11.36
N PRO B 50 0.97 -9.46 -12.40
CA PRO B 50 0.98 -10.74 -13.11
C PRO B 50 1.22 -11.89 -12.15
N LYS B 51 0.54 -13.00 -12.41
CA LYS B 51 0.78 -14.22 -11.66
C LYS B 51 2.23 -14.68 -11.86
N LYS B 52 2.93 -14.92 -10.74
CA LYS B 52 4.30 -15.44 -10.83
C LYS B 52 4.29 -16.84 -11.42
N PRO B 53 5.10 -17.13 -12.42
CA PRO B 53 5.09 -18.47 -13.01
C PRO B 53 5.30 -19.55 -11.96
N TRP B 54 4.66 -20.70 -12.15
CA TRP B 54 4.69 -21.80 -11.21
C TRP B 54 5.48 -22.98 -11.79
N SER B 55 6.07 -23.76 -10.91
CA SER B 55 6.63 -25.03 -11.33
C SER B 55 5.57 -26.12 -11.16
N GLY B 56 5.79 -27.23 -11.82
CA GLY B 56 4.79 -28.28 -11.77
C GLY B 56 3.61 -27.97 -12.69
N VAL B 57 2.51 -28.67 -12.42
CA VAL B 57 1.37 -28.72 -13.31
C VAL B 57 0.20 -28.09 -12.58
N TRP B 58 -0.31 -26.97 -13.10
CA TRP B 58 -1.50 -26.37 -12.54
C TRP B 58 -2.71 -27.21 -12.92
N ASN B 59 -3.43 -27.68 -11.91
CA ASN B 59 -4.64 -28.47 -12.11
C ASN B 59 -5.76 -27.53 -12.52
N ALA B 60 -6.04 -27.48 -13.82
CA ALA B 60 -7.10 -26.60 -14.30
C ALA B 60 -8.34 -27.41 -14.68
N SER B 61 -8.87 -28.19 -13.76
CA SER B 61 -9.96 -29.09 -14.06
C SER B 61 -11.27 -28.71 -13.39
N THR B 62 -11.27 -27.69 -12.53
CA THR B 62 -12.50 -27.28 -11.87
C THR B 62 -12.61 -25.76 -11.85
N TYR B 63 -13.84 -25.28 -11.79
CA TYR B 63 -14.11 -23.85 -11.77
C TYR B 63 -13.45 -23.19 -10.56
N PRO B 64 -13.00 -21.95 -10.70
CA PRO B 64 -12.39 -21.24 -9.57
C PRO B 64 -13.46 -20.63 -8.67
N ASN B 65 -13.02 -20.01 -7.58
CA ASN B 65 -13.89 -19.20 -6.76
C ASN B 65 -14.43 -18.02 -7.56
N ASN B 66 -15.53 -17.46 -7.08
CA ASN B 66 -16.04 -16.19 -7.58
C ASN B 66 -15.55 -15.06 -6.70
N CYS B 67 -15.50 -13.85 -7.26
CA CYS B 67 -15.08 -12.68 -6.51
C CYS B 67 -16.13 -12.31 -5.46
N GLN B 68 -15.69 -11.62 -4.40
CA GLN B 68 -16.58 -11.18 -3.33
C GLN B 68 -17.60 -10.18 -3.85
N GLN B 69 -18.88 -10.43 -3.55
CA GLN B 69 -19.93 -9.61 -4.14
C GLN B 69 -21.22 -9.73 -3.33
N TYR B 70 -22.05 -8.69 -3.43
CA TYR B 70 -23.42 -8.74 -2.94
C TYR B 70 -24.19 -9.88 -3.60
N VAL B 71 -24.80 -10.72 -2.78
CA VAL B 71 -25.58 -11.87 -3.25
C VAL B 71 -27.05 -11.48 -3.23
N ASP B 72 -27.76 -11.78 -4.31
CA ASP B 72 -29.16 -11.42 -4.44
C ASP B 72 -30.03 -12.44 -3.70
N GLU B 73 -30.78 -12.00 -2.69
CA GLU B 73 -31.68 -12.85 -1.93
CA GLU B 73 -31.70 -12.90 -2.01
C GLU B 73 -33.13 -12.37 -2.05
N GLN B 74 -33.44 -11.53 -3.04
CA GLN B 74 -34.80 -11.03 -3.20
C GLN B 74 -35.81 -12.16 -3.32
N PHE B 75 -35.43 -13.23 -4.03
CA PHE B 75 -36.32 -14.37 -4.28
C PHE B 75 -35.53 -15.64 -4.02
N PRO B 76 -35.31 -15.99 -2.76
CA PRO B 76 -34.45 -17.14 -2.46
C PRO B 76 -34.98 -18.42 -3.10
N GLY B 77 -34.09 -19.17 -3.73
CA GLY B 77 -34.46 -20.40 -4.40
C GLY B 77 -35.09 -20.25 -5.76
N PHE B 78 -35.45 -19.03 -6.18
CA PHE B 78 -36.08 -18.85 -7.48
C PHE B 78 -35.00 -18.91 -8.56
N SER B 79 -35.13 -19.87 -9.49
CA SER B 79 -34.11 -20.04 -10.54
C SER B 79 -33.85 -18.77 -11.33
N GLY B 80 -34.90 -17.95 -11.53
CA GLY B 80 -34.74 -16.75 -12.34
C GLY B 80 -33.72 -15.77 -11.77
N SER B 81 -33.60 -15.73 -10.44
CA SER B 81 -32.62 -14.84 -9.84
C SER B 81 -31.36 -15.58 -9.40
N GLU B 82 -31.52 -16.83 -8.91
CA GLU B 82 -30.37 -17.61 -8.46
C GLU B 82 -29.41 -17.96 -9.59
N MET B 83 -29.88 -17.96 -10.85
CA MET B 83 -28.99 -18.27 -11.96
C MET B 83 -27.93 -17.21 -12.16
N TRP B 84 -28.04 -16.07 -11.48
CA TRP B 84 -27.08 -14.99 -11.60
C TRP B 84 -26.15 -14.87 -10.41
N ASN B 85 -26.44 -15.55 -9.29
CA ASN B 85 -25.63 -15.51 -8.08
C ASN B 85 -24.40 -16.40 -8.21
N PRO B 86 -23.36 -16.15 -7.41
CA PRO B 86 -22.21 -17.06 -7.39
C PRO B 86 -22.63 -18.51 -7.14
N ASN B 87 -22.11 -19.41 -7.97
CA ASN B 87 -22.33 -20.84 -7.81
C ASN B 87 -21.08 -21.54 -7.28
N ARG B 88 -20.03 -20.78 -7.03
CA ARG B 88 -18.82 -21.26 -6.37
CA ARG B 88 -18.81 -21.24 -6.39
C ARG B 88 -18.59 -20.41 -5.13
N GLU B 89 -17.70 -20.85 -4.26
CA GLU B 89 -17.41 -20.05 -3.08
C GLU B 89 -16.82 -18.70 -3.47
N MET B 90 -17.16 -17.67 -2.70
CA MET B 90 -16.64 -16.33 -2.91
C MET B 90 -15.30 -16.18 -2.21
N SER B 91 -14.42 -15.42 -2.83
CA SER B 91 -13.08 -15.21 -2.30
C SER B 91 -12.46 -14.02 -3.01
N GLU B 92 -11.67 -13.23 -2.28
CA GLU B 92 -10.84 -12.23 -2.95
C GLU B 92 -9.81 -12.90 -3.86
N ASP B 93 -9.46 -14.16 -3.58
CA ASP B 93 -8.60 -14.93 -4.48
C ASP B 93 -9.47 -15.42 -5.63
N CYS B 94 -9.66 -14.54 -6.63
CA CYS B 94 -10.64 -14.85 -7.66
C CYS B 94 -10.21 -14.48 -9.08
N LEU B 95 -8.96 -14.06 -9.30
CA LEU B 95 -8.55 -13.62 -10.64
C LEU B 95 -8.07 -14.83 -11.45
N TYR B 96 -9.03 -15.51 -12.09
CA TYR B 96 -8.78 -16.71 -12.88
C TYR B 96 -9.52 -16.60 -14.21
N LEU B 97 -9.11 -17.41 -15.18
CA LEU B 97 -9.83 -17.49 -16.45
C LEU B 97 -10.06 -18.94 -16.84
N ASN B 98 -11.06 -19.15 -17.69
CA ASN B 98 -11.48 -20.45 -18.20
C ASN B 98 -11.35 -20.49 -19.72
N ILE B 99 -10.97 -21.64 -20.28
CA ILE B 99 -10.80 -21.77 -21.73
C ILE B 99 -11.45 -23.08 -22.19
N TRP B 100 -12.31 -23.00 -23.21
CA TRP B 100 -12.86 -24.18 -23.88
C TRP B 100 -12.23 -24.27 -25.26
N VAL B 101 -11.69 -25.44 -25.59
CA VAL B 101 -10.91 -25.67 -26.80
C VAL B 101 -11.53 -26.82 -27.58
N PRO B 102 -11.95 -26.62 -28.83
CA PRO B 102 -12.44 -27.74 -29.65
C PRO B 102 -11.48 -28.93 -29.62
N SER B 103 -12.03 -30.11 -29.87
CA SER B 103 -11.23 -31.33 -29.89
C SER B 103 -11.51 -32.13 -31.16
N PRO B 104 -10.47 -32.35 -31.99
CA PRO B 104 -9.04 -32.04 -31.77
C PRO B 104 -8.69 -30.55 -31.78
N ARG B 105 -7.62 -30.22 -31.06
CA ARG B 105 -7.20 -28.83 -30.89
C ARG B 105 -7.01 -28.16 -32.26
N PRO B 106 -7.59 -26.99 -32.47
CA PRO B 106 -7.34 -26.26 -33.72
C PRO B 106 -5.91 -25.76 -33.74
N LYS B 107 -5.47 -25.33 -34.92
CA LYS B 107 -4.09 -24.84 -35.05
C LYS B 107 -3.99 -23.36 -34.71
N SER B 108 -4.91 -22.55 -35.23
CA SER B 108 -4.93 -21.13 -34.94
CA SER B 108 -4.92 -21.12 -34.96
C SER B 108 -6.30 -20.56 -35.30
N THR B 109 -7.29 -20.86 -34.47
CA THR B 109 -8.67 -20.49 -34.75
C THR B 109 -9.07 -19.20 -34.05
N THR B 110 -10.25 -18.70 -34.41
CA THR B 110 -10.81 -17.48 -33.84
C THR B 110 -11.00 -17.59 -32.33
N VAL B 111 -10.68 -16.52 -31.61
CA VAL B 111 -10.79 -16.44 -30.16
C VAL B 111 -11.89 -15.46 -29.79
N MET B 112 -12.76 -15.85 -28.85
CA MET B 112 -13.76 -14.97 -28.26
C MET B 112 -13.59 -14.96 -26.74
N VAL B 113 -13.50 -13.77 -26.17
CA VAL B 113 -13.24 -13.61 -24.74
C VAL B 113 -14.46 -12.94 -24.10
N TRP B 114 -15.09 -13.66 -23.16
CA TRP B 114 -16.32 -13.20 -22.50
C TRP B 114 -16.00 -12.41 -21.24
N ILE B 115 -16.64 -11.24 -21.11
CA ILE B 115 -16.53 -10.39 -19.92
C ILE B 115 -17.93 -10.26 -19.31
N TYR B 116 -18.14 -10.84 -18.13
CA TYR B 116 -19.48 -10.85 -17.55
C TYR B 116 -19.91 -9.46 -17.08
N GLY B 117 -21.22 -9.27 -16.99
CA GLY B 117 -21.82 -8.05 -16.47
C GLY B 117 -22.26 -8.23 -15.03
N GLY B 118 -23.10 -7.30 -14.58
CA GLY B 118 -23.51 -7.33 -13.19
C GLY B 118 -23.27 -6.01 -12.49
N GLY B 119 -23.39 -4.92 -13.24
CA GLY B 119 -23.36 -3.58 -12.66
C GLY B 119 -22.05 -3.16 -12.08
N PHE B 120 -20.97 -3.91 -12.34
CA PHE B 120 -19.64 -3.75 -11.74
C PHE B 120 -19.62 -4.05 -10.25
N TYR B 121 -20.71 -4.59 -9.68
CA TYR B 121 -20.76 -4.95 -8.26
C TYR B 121 -21.00 -6.44 -8.06
N SER B 122 -21.20 -7.21 -9.12
CA SER B 122 -21.46 -8.63 -9.03
C SER B 122 -21.08 -9.26 -10.37
N GLY B 123 -21.17 -10.58 -10.43
CA GLY B 123 -20.92 -11.32 -11.65
C GLY B 123 -19.93 -12.43 -11.37
N SER B 124 -20.04 -13.50 -12.16
CA SER B 124 -19.15 -14.65 -12.05
C SER B 124 -18.90 -15.20 -13.45
N SER B 125 -17.70 -15.76 -13.64
CA SER B 125 -17.37 -16.44 -14.89
C SER B 125 -17.94 -17.85 -14.97
N THR B 126 -18.48 -18.37 -13.88
CA THR B 126 -18.82 -19.79 -13.76
C THR B 126 -20.31 -20.09 -13.84
N LEU B 127 -21.14 -19.08 -14.09
CA LEU B 127 -22.58 -19.30 -14.22
C LEU B 127 -22.86 -20.33 -15.32
N ASP B 128 -23.89 -21.15 -15.08
CA ASP B 128 -24.35 -22.09 -16.09
C ASP B 128 -24.58 -21.40 -17.43
N VAL B 129 -25.16 -20.21 -17.40
CA VAL B 129 -25.49 -19.51 -18.65
C VAL B 129 -24.25 -18.97 -19.35
N TYR B 130 -23.07 -19.02 -18.72
CA TYR B 130 -21.82 -18.66 -19.39
C TYR B 130 -20.98 -19.86 -19.77
N ASN B 131 -21.52 -21.07 -19.63
CA ASN B 131 -20.78 -22.28 -20.00
C ASN B 131 -20.39 -22.20 -21.47
N GLY B 132 -19.08 -22.09 -21.74
CA GLY B 132 -18.64 -21.83 -23.08
C GLY B 132 -18.55 -23.01 -24.03
N LYS B 133 -18.92 -24.22 -23.58
CA LYS B 133 -18.58 -25.40 -24.37
C LYS B 133 -19.44 -25.52 -25.63
N TYR B 134 -20.70 -25.06 -25.58
CA TYR B 134 -21.55 -25.19 -26.76
C TYR B 134 -21.08 -24.29 -27.88
N LEU B 135 -20.77 -23.03 -27.57
CA LEU B 135 -20.28 -22.11 -28.58
C LEU B 135 -18.94 -22.58 -29.12
N ALA B 136 -18.03 -23.00 -28.24
CA ALA B 136 -16.73 -23.47 -28.68
C ALA B 136 -16.86 -24.69 -29.57
N TYR B 137 -17.74 -25.62 -29.19
CA TYR B 137 -17.94 -26.83 -29.97
C TYR B 137 -18.65 -26.53 -31.29
N THR B 138 -19.75 -25.78 -31.24
CA THR B 138 -20.57 -25.62 -32.43
C THR B 138 -19.85 -24.78 -33.48
N GLU B 139 -19.19 -23.70 -33.08
CA GLU B 139 -18.60 -22.77 -34.02
C GLU B 139 -17.10 -22.95 -34.18
N GLU B 140 -16.51 -23.88 -33.44
CA GLU B 140 -15.08 -24.19 -33.58
C GLU B 140 -14.23 -22.98 -33.22
N VAL B 141 -14.59 -22.29 -32.15
CA VAL B 141 -13.79 -21.17 -31.67
C VAL B 141 -13.17 -21.59 -30.34
N VAL B 142 -12.09 -20.94 -29.98
CA VAL B 142 -11.58 -21.01 -28.61
C VAL B 142 -12.30 -19.95 -27.80
N LEU B 143 -13.03 -20.39 -26.78
CA LEU B 143 -13.86 -19.51 -25.96
C LEU B 143 -13.22 -19.33 -24.60
N VAL B 144 -12.90 -18.08 -24.26
CA VAL B 144 -12.34 -17.71 -22.95
C VAL B 144 -13.37 -16.90 -22.16
N SER B 145 -13.48 -17.19 -20.87
CA SER B 145 -14.21 -16.31 -19.95
C SER B 145 -13.25 -15.84 -18.87
N LEU B 146 -13.19 -14.53 -18.65
CA LEU B 146 -12.29 -13.98 -17.65
C LEU B 146 -13.08 -13.61 -16.39
N SER B 147 -12.36 -13.19 -15.36
CA SER B 147 -12.98 -12.59 -14.19
C SER B 147 -12.27 -11.29 -13.88
N TYR B 148 -12.87 -10.54 -12.96
CA TYR B 148 -12.32 -9.27 -12.53
C TYR B 148 -13.02 -8.86 -11.24
N ARG B 149 -12.30 -8.07 -10.43
CA ARG B 149 -12.84 -7.67 -9.15
C ARG B 149 -14.01 -6.72 -9.34
N VAL B 150 -15.06 -6.91 -8.54
CA VAL B 150 -16.24 -6.07 -8.58
C VAL B 150 -16.41 -5.34 -7.26
N GLY B 151 -17.36 -4.40 -7.24
CA GLY B 151 -17.66 -3.64 -6.04
C GLY B 151 -16.48 -2.78 -5.62
N ALA B 152 -16.40 -2.50 -4.31
CA ALA B 152 -15.29 -1.74 -3.76
C ALA B 152 -13.95 -2.40 -4.05
N PHE B 153 -13.91 -3.73 -4.06
CA PHE B 153 -12.66 -4.45 -4.33
C PHE B 153 -12.10 -4.10 -5.70
N GLY B 154 -12.96 -3.87 -6.68
CA GLY B 154 -12.49 -3.58 -8.01
C GLY B 154 -12.52 -2.11 -8.38
N PHE B 155 -13.27 -1.28 -7.64
CA PHE B 155 -13.50 0.07 -8.15
C PHE B 155 -13.50 1.18 -7.10
N LEU B 156 -13.12 0.88 -5.86
CA LEU B 156 -12.78 1.94 -4.92
C LEU B 156 -11.72 2.85 -5.54
N ALA B 157 -12.00 4.14 -5.58
CA ALA B 157 -11.20 5.09 -6.35
C ALA B 157 -10.87 6.30 -5.48
N LEU B 158 -9.63 6.34 -4.99
CA LEU B 158 -9.09 7.51 -4.30
C LEU B 158 -7.99 8.09 -5.20
N HIS B 159 -8.40 8.88 -6.18
CA HIS B 159 -7.49 9.32 -7.23
C HIS B 159 -6.32 10.13 -6.66
N GLY B 160 -5.13 9.86 -7.19
CA GLY B 160 -3.89 10.35 -6.63
C GLY B 160 -3.20 9.35 -5.72
N SER B 161 -3.91 8.37 -5.22
CA SER B 161 -3.30 7.32 -4.43
C SER B 161 -2.86 6.20 -5.37
N GLN B 162 -1.70 5.64 -5.08
CA GLN B 162 -1.32 4.45 -5.81
C GLN B 162 -1.76 3.18 -5.11
N GLU B 163 -2.29 3.29 -3.90
CA GLU B 163 -2.79 2.11 -3.19
C GLU B 163 -4.23 1.79 -3.55
N ALA B 164 -5.04 2.80 -3.86
CA ALA B 164 -6.43 2.60 -4.30
C ALA B 164 -6.73 3.57 -5.42
N PRO B 165 -6.14 3.37 -6.61
CA PRO B 165 -6.25 4.37 -7.67
C PRO B 165 -7.57 4.36 -8.42
N GLY B 166 -8.39 3.32 -8.29
CA GLY B 166 -9.59 3.16 -9.10
C GLY B 166 -9.33 2.35 -10.36
N ASN B 167 -10.41 1.88 -10.97
CA ASN B 167 -10.35 1.12 -12.23
C ASN B 167 -9.59 -0.21 -12.14
N VAL B 168 -9.26 -0.72 -10.94
CA VAL B 168 -8.41 -1.91 -10.92
C VAL B 168 -9.18 -3.13 -11.45
N GLY B 169 -10.50 -3.15 -11.35
CA GLY B 169 -11.24 -4.24 -11.98
C GLY B 169 -11.12 -4.23 -13.50
N LEU B 170 -11.04 -3.04 -14.11
CA LEU B 170 -10.78 -2.97 -15.55
C LEU B 170 -9.35 -3.40 -15.87
N LEU B 171 -8.39 -3.04 -15.01
CA LEU B 171 -7.02 -3.51 -15.19
C LEU B 171 -6.92 -5.02 -15.02
N ASP B 172 -7.75 -5.61 -14.14
CA ASP B 172 -7.84 -7.07 -14.09
C ASP B 172 -8.25 -7.63 -15.44
N GLN B 173 -9.32 -7.08 -16.02
CA GLN B 173 -9.77 -7.52 -17.35
C GLN B 173 -8.62 -7.40 -18.35
N ARG B 174 -7.93 -6.26 -18.33
CA ARG B 174 -6.84 -6.07 -19.27
C ARG B 174 -5.74 -7.10 -19.06
N MET B 175 -5.45 -7.46 -17.80
CA MET B 175 -4.37 -8.41 -17.60
C MET B 175 -4.76 -9.80 -18.06
N ALA B 176 -6.03 -10.17 -17.96
CA ALA B 176 -6.47 -11.42 -18.59
C ALA B 176 -6.37 -11.33 -20.11
N LEU B 177 -6.70 -10.16 -20.68
CA LEU B 177 -6.55 -10.02 -22.13
C LEU B 177 -5.08 -10.13 -22.53
N GLN B 178 -4.18 -9.59 -21.71
CA GLN B 178 -2.76 -9.72 -21.98
C GLN B 178 -2.33 -11.19 -21.87
N TRP B 179 -2.87 -11.92 -20.89
CA TRP B 179 -2.57 -13.34 -20.79
C TRP B 179 -3.01 -14.10 -22.05
N VAL B 180 -4.22 -13.81 -22.55
CA VAL B 180 -4.70 -14.42 -23.78
C VAL B 180 -3.77 -14.06 -24.94
N HIS B 181 -3.43 -12.78 -25.06
CA HIS B 181 -2.50 -12.34 -26.09
C HIS B 181 -1.21 -13.14 -26.06
N ASP B 182 -0.65 -13.35 -24.87
CA ASP B 182 0.64 -14.03 -24.75
C ASP B 182 0.54 -15.53 -24.90
N ASN B 183 -0.60 -16.14 -24.58
CA ASN B 183 -0.62 -17.58 -24.38
C ASN B 183 -1.65 -18.34 -25.19
N ILE B 184 -2.67 -17.68 -25.76
CA ILE B 184 -3.76 -18.45 -26.35
C ILE B 184 -3.28 -19.26 -27.56
N GLN B 185 -2.16 -18.88 -28.17
CA GLN B 185 -1.64 -19.65 -29.29
C GLN B 185 -1.33 -21.08 -28.86
N PHE B 186 -0.96 -21.28 -27.60
CA PHE B 186 -0.63 -22.62 -27.12
C PHE B 186 -1.87 -23.48 -26.93
N PHE B 187 -3.05 -22.89 -26.98
CA PHE B 187 -4.31 -23.63 -26.93
C PHE B 187 -4.97 -23.76 -28.29
N GLY B 188 -4.28 -23.33 -29.34
CA GLY B 188 -4.86 -23.36 -30.67
C GLY B 188 -5.63 -22.12 -31.10
N GLY B 189 -5.58 -21.03 -30.31
CA GLY B 189 -6.24 -19.79 -30.67
C GLY B 189 -5.30 -18.79 -31.29
N ASP B 190 -5.82 -18.02 -32.25
CA ASP B 190 -5.04 -16.98 -32.91
C ASP B 190 -5.11 -15.68 -32.11
N PRO B 191 -4.01 -15.23 -31.50
CA PRO B 191 -4.06 -13.98 -30.72
C PRO B 191 -4.21 -12.74 -31.57
N LYS B 192 -4.09 -12.85 -32.89
CA LYS B 192 -4.38 -11.73 -33.78
C LYS B 192 -5.86 -11.63 -34.14
N THR B 193 -6.66 -12.63 -33.80
CA THR B 193 -8.10 -12.64 -34.10
C THR B 193 -8.89 -12.93 -32.83
N VAL B 194 -8.80 -12.00 -31.86
CA VAL B 194 -9.49 -12.09 -30.58
C VAL B 194 -10.63 -11.07 -30.58
N THR B 195 -11.85 -11.55 -30.32
CA THR B 195 -13.01 -10.68 -30.13
C THR B 195 -13.36 -10.66 -28.64
N ILE B 196 -13.48 -9.47 -28.06
CA ILE B 196 -13.99 -9.38 -26.70
C ILE B 196 -15.49 -9.14 -26.77
N PHE B 197 -16.25 -9.82 -25.92
CA PHE B 197 -17.68 -9.56 -25.87
C PHE B 197 -18.16 -9.69 -24.43
N GLY B 198 -19.25 -8.98 -24.14
CA GLY B 198 -19.84 -8.97 -22.80
C GLY B 198 -21.19 -8.31 -22.80
N GLU B 199 -21.95 -8.56 -21.74
CA GLU B 199 -23.30 -8.03 -21.61
C GLU B 199 -23.36 -7.09 -20.40
N SER B 200 -24.18 -6.03 -20.55
CA SER B 200 -24.45 -5.05 -19.48
C SER B 200 -23.12 -4.42 -19.05
N ALA B 201 -22.70 -4.54 -17.79
CA ALA B 201 -21.40 -3.98 -17.38
C ALA B 201 -20.25 -4.59 -18.17
N GLY B 202 -20.39 -5.84 -18.61
CA GLY B 202 -19.40 -6.42 -19.51
C GLY B 202 -19.39 -5.75 -20.86
N GLY B 203 -20.55 -5.29 -21.33
CA GLY B 203 -20.60 -4.53 -22.58
C GLY B 203 -20.04 -3.13 -22.44
N ALA B 204 -20.38 -2.44 -21.35
CA ALA B 204 -19.69 -1.19 -21.05
C ALA B 204 -18.17 -1.39 -20.99
N SER B 205 -17.74 -2.47 -20.32
CA SER B 205 -16.31 -2.80 -20.22
C SER B 205 -15.69 -2.96 -21.60
N VAL B 206 -16.32 -3.77 -22.45
CA VAL B 206 -15.83 -3.92 -23.82
C VAL B 206 -15.66 -2.55 -24.46
N GLY B 207 -16.67 -1.67 -24.31
CA GLY B 207 -16.54 -0.34 -24.84
C GLY B 207 -15.38 0.44 -24.23
N MET B 208 -15.08 0.19 -22.97
CA MET B 208 -14.02 0.95 -22.30
C MET B 208 -12.63 0.54 -22.79
N HIS B 209 -12.44 -0.73 -23.17
CA HIS B 209 -11.18 -1.15 -23.77
C HIS B 209 -11.03 -0.64 -25.21
N ILE B 210 -12.14 -0.46 -25.93
CA ILE B 210 -12.07 0.24 -27.22
C ILE B 210 -11.51 1.66 -27.02
N LEU B 211 -12.00 2.37 -26.00
CA LEU B 211 -11.53 3.73 -25.74
C LEU B 211 -10.11 3.76 -25.20
N SER B 212 -9.80 2.91 -24.23
CA SER B 212 -8.56 3.08 -23.45
C SER B 212 -7.31 2.72 -24.24
N PRO B 213 -6.35 3.63 -24.41
CA PRO B 213 -5.16 3.31 -25.22
C PRO B 213 -4.40 2.09 -24.73
N GLY B 214 -4.30 1.89 -23.42
CA GLY B 214 -3.56 0.74 -22.88
C GLY B 214 -4.20 -0.61 -23.16
N SER B 215 -5.41 -0.64 -23.70
CA SER B 215 -6.09 -1.89 -24.01
C SER B 215 -6.20 -2.19 -25.50
N ARG B 216 -6.11 -1.17 -26.37
CA ARG B 216 -6.54 -1.31 -27.76
C ARG B 216 -5.82 -2.41 -28.49
N ASP B 217 -4.55 -2.66 -28.16
CA ASP B 217 -3.77 -3.64 -28.90
C ASP B 217 -3.96 -5.07 -28.41
N LEU B 218 -4.85 -5.29 -27.44
CA LEU B 218 -5.03 -6.61 -26.86
C LEU B 218 -6.22 -7.36 -27.44
N PHE B 219 -6.80 -6.87 -28.54
CA PHE B 219 -7.94 -7.55 -29.15
C PHE B 219 -8.14 -7.01 -30.56
N ARG B 220 -8.90 -7.76 -31.36
CA ARG B 220 -9.12 -7.43 -32.76
C ARG B 220 -10.43 -6.68 -33.00
N ARG B 221 -11.56 -7.19 -32.50
CA ARG B 221 -12.85 -6.52 -32.68
C ARG B 221 -13.71 -6.80 -31.46
N ALA B 222 -14.93 -6.25 -31.45
CA ALA B 222 -15.69 -6.13 -30.21
C ALA B 222 -17.19 -6.35 -30.41
N ILE B 223 -17.82 -6.98 -29.43
CA ILE B 223 -19.27 -7.19 -29.38
C ILE B 223 -19.79 -6.67 -28.05
N LEU B 224 -20.80 -5.82 -28.09
CA LEU B 224 -21.37 -5.19 -26.89
C LEU B 224 -22.85 -5.53 -26.80
N GLN B 225 -23.26 -6.21 -25.73
CA GLN B 225 -24.66 -6.62 -25.56
C GLN B 225 -25.29 -5.83 -24.42
N SER B 226 -26.31 -5.02 -24.73
CA SER B 226 -27.10 -4.30 -23.71
C SER B 226 -26.24 -3.47 -22.77
N GLY B 227 -25.21 -2.83 -23.30
CA GLY B 227 -24.34 -2.01 -22.46
C GLY B 227 -23.37 -1.24 -23.32
N SER B 228 -22.91 -0.09 -22.85
CA SER B 228 -21.99 0.73 -23.62
C SER B 228 -21.22 1.62 -22.65
N PRO B 229 -20.03 2.08 -23.03
CA PRO B 229 -19.12 2.67 -22.03
C PRO B 229 -19.62 3.97 -21.46
N ASN B 230 -20.52 4.66 -22.17
CA ASN B 230 -21.06 5.95 -21.77
C ASN B 230 -22.37 5.83 -21.00
N CYS B 231 -22.82 4.60 -20.66
CA CYS B 231 -24.05 4.49 -19.90
C CYS B 231 -24.00 5.34 -18.63
N PRO B 232 -25.13 5.92 -18.18
CA PRO B 232 -25.06 6.83 -17.01
C PRO B 232 -24.69 6.15 -15.71
N TRP B 233 -24.85 4.83 -15.61
CA TRP B 233 -24.48 4.08 -14.42
C TRP B 233 -23.06 3.54 -14.45
N ALA B 234 -22.32 3.70 -15.55
CA ALA B 234 -21.09 2.93 -15.75
C ALA B 234 -19.81 3.65 -15.38
N SER B 235 -19.85 4.95 -15.05
CA SER B 235 -18.63 5.68 -14.67
C SER B 235 -19.01 6.82 -13.74
N VAL B 236 -18.00 7.33 -13.03
CA VAL B 236 -18.14 8.51 -12.16
C VAL B 236 -16.90 9.37 -12.32
N SER B 237 -17.01 10.64 -11.91
CA SER B 237 -15.85 11.53 -11.85
C SER B 237 -14.90 11.09 -10.73
N VAL B 238 -13.68 11.66 -10.74
CA VAL B 238 -12.78 11.34 -9.63
C VAL B 238 -13.30 11.91 -8.32
N ALA B 239 -13.89 13.12 -8.37
CA ALA B 239 -14.43 13.70 -7.15
C ALA B 239 -15.53 12.84 -6.55
N GLU B 240 -16.45 12.34 -7.40
CA GLU B 240 -17.53 11.51 -6.89
C GLU B 240 -17.02 10.16 -6.43
N GLY B 241 -16.05 9.59 -7.14
CA GLY B 241 -15.43 8.37 -6.67
C GLY B 241 -14.77 8.55 -5.32
N ARG B 242 -14.11 9.70 -5.11
CA ARG B 242 -13.48 9.98 -3.82
C ARG B 242 -14.52 10.17 -2.73
N ARG B 243 -15.57 10.95 -3.01
CA ARG B 243 -16.66 11.10 -2.05
C ARG B 243 -17.22 9.74 -1.65
N ARG B 244 -17.45 8.85 -2.61
CA ARG B 244 -18.05 7.56 -2.26
C ARG B 244 -17.08 6.72 -1.42
N ALA B 245 -15.79 6.75 -1.76
CA ALA B 245 -14.82 5.98 -0.99
C ALA B 245 -14.73 6.49 0.44
N VAL B 246 -14.71 7.81 0.61
CA VAL B 246 -14.68 8.39 1.95
C VAL B 246 -15.94 8.02 2.72
N GLU B 247 -17.11 8.12 2.06
CA GLU B 247 -18.35 7.74 2.70
C GLU B 247 -18.38 6.27 3.07
N LEU B 248 -17.69 5.42 2.32
CA LEU B 248 -17.59 4.02 2.72
C LEU B 248 -16.82 3.90 4.03
N GLY B 249 -15.74 4.66 4.17
CA GLY B 249 -15.02 4.66 5.43
C GLY B 249 -15.87 5.16 6.58
N ARG B 250 -16.55 6.29 6.36
CA ARG B 250 -17.44 6.85 7.38
C ARG B 250 -18.43 5.81 7.87
N ASN B 251 -19.01 5.03 6.95
CA ASN B 251 -19.93 3.98 7.35
C ASN B 251 -19.28 2.92 8.21
N LEU B 252 -17.97 2.73 8.07
CA LEU B 252 -17.25 1.70 8.82
C LEU B 252 -16.41 2.28 9.95
N ASN B 253 -16.67 3.53 10.34
CA ASN B 253 -15.94 4.19 11.43
C ASN B 253 -14.43 4.18 11.19
N CYS B 254 -14.02 4.41 9.94
CA CYS B 254 -12.62 4.49 9.60
C CYS B 254 -12.07 5.89 9.86
N ASN B 255 -10.76 5.93 10.06
CA ASN B 255 -10.00 7.18 10.07
C ASN B 255 -9.99 7.78 8.67
N LEU B 256 -10.50 9.01 8.53
CA LEU B 256 -10.65 9.66 7.23
C LEU B 256 -9.63 10.77 7.01
N ASN B 257 -8.60 10.87 7.86
CA ASN B 257 -7.68 12.00 7.75
C ASN B 257 -6.81 11.94 6.50
N SER B 258 -6.60 10.76 5.92
CA SER B 258 -5.76 10.63 4.73
C SER B 258 -6.07 9.33 4.02
N ASP B 259 -5.70 9.29 2.74
CA ASP B 259 -5.92 8.10 1.93
C ASP B 259 -5.25 6.89 2.56
N GLU B 260 -4.01 7.04 3.03
CA GLU B 260 -3.31 5.91 3.62
C GLU B 260 -4.05 5.37 4.84
N GLU B 261 -4.57 6.26 5.68
CA GLU B 261 -5.28 5.79 6.87
C GLU B 261 -6.63 5.19 6.52
N LEU B 262 -7.37 5.82 5.60
CA LEU B 262 -8.64 5.26 5.14
C LEU B 262 -8.43 3.89 4.50
N ILE B 263 -7.48 3.80 3.58
CA ILE B 263 -7.21 2.53 2.90
C ILE B 263 -6.80 1.46 3.91
N HIS B 264 -5.87 1.80 4.82
CA HIS B 264 -5.43 0.81 5.80
C HIS B 264 -6.61 0.30 6.64
N CYS B 265 -7.48 1.19 7.10
CA CYS B 265 -8.68 0.75 7.80
C CYS B 265 -9.52 -0.16 6.92
N LEU B 266 -9.80 0.26 5.68
CA LEU B 266 -10.62 -0.56 4.78
C LEU B 266 -10.00 -1.92 4.55
N ARG B 267 -8.66 -1.98 4.45
CA ARG B 267 -8.00 -3.26 4.20
C ARG B 267 -8.10 -4.22 5.39
N GLU B 268 -8.46 -3.73 6.58
CA GLU B 268 -8.57 -4.62 7.72
C GLU B 268 -9.95 -5.27 7.82
N LYS B 269 -10.94 -4.73 7.12
CA LYS B 269 -12.28 -5.25 7.23
C LYS B 269 -12.42 -6.56 6.46
N LYS B 270 -13.30 -7.42 6.96
CA LYS B 270 -13.71 -8.58 6.19
C LYS B 270 -14.45 -8.14 4.94
N PRO B 271 -14.36 -8.90 3.85
CA PRO B 271 -15.06 -8.51 2.62
C PRO B 271 -16.53 -8.23 2.83
N GLN B 272 -17.22 -9.08 3.59
CA GLN B 272 -18.66 -8.91 3.78
C GLN B 272 -19.00 -7.63 4.53
N GLU B 273 -18.07 -7.11 5.34
CA GLU B 273 -18.32 -5.82 5.99
C GLU B 273 -18.35 -4.69 4.99
N LEU B 274 -17.51 -4.75 3.94
CA LEU B 274 -17.59 -3.74 2.90
C LEU B 274 -18.88 -3.90 2.12
N ILE B 275 -19.22 -5.14 1.77
CA ILE B 275 -20.43 -5.38 0.99
C ILE B 275 -21.67 -4.93 1.76
N ASP B 276 -21.69 -5.13 3.08
CA ASP B 276 -22.87 -4.76 3.87
C ASP B 276 -23.18 -3.27 3.80
N VAL B 277 -22.19 -2.40 3.61
CA VAL B 277 -22.45 -0.96 3.56
C VAL B 277 -22.29 -0.40 2.15
N GLU B 278 -22.07 -1.25 1.15
CA GLU B 278 -21.76 -0.78 -0.20
C GLU B 278 -22.86 0.15 -0.74
N TRP B 279 -24.13 -0.17 -0.52
CA TRP B 279 -25.20 0.62 -1.10
C TRP B 279 -25.40 1.97 -0.41
N ASN B 280 -24.76 2.19 0.73
CA ASN B 280 -25.04 3.41 1.50
C ASN B 280 -24.34 4.63 0.93
N VAL B 281 -23.34 4.47 0.06
CA VAL B 281 -22.58 5.63 -0.43
C VAL B 281 -23.22 6.28 -1.65
N LEU B 282 -24.26 5.68 -2.22
CA LEU B 282 -24.91 6.28 -3.38
C LEU B 282 -25.43 7.68 -3.01
N PRO B 283 -25.33 8.65 -3.92
CA PRO B 283 -25.81 10.00 -3.59
C PRO B 283 -27.33 10.13 -3.59
N PHE B 284 -28.05 9.27 -4.30
CA PHE B 284 -29.50 9.39 -4.36
C PHE B 284 -30.18 8.04 -4.13
N ASP B 285 -31.43 8.13 -3.70
CA ASP B 285 -32.36 7.01 -3.89
C ASP B 285 -32.56 6.81 -5.37
N SER B 286 -32.35 5.58 -5.84
CA SER B 286 -32.25 5.41 -7.28
C SER B 286 -32.41 3.95 -7.64
N ILE B 287 -32.76 3.72 -8.89
CA ILE B 287 -32.59 2.38 -9.44
C ILE B 287 -31.64 2.48 -10.63
N PHE B 288 -31.06 1.33 -10.98
CA PHE B 288 -30.04 1.24 -12.03
C PHE B 288 -28.86 2.15 -11.73
N ARG B 289 -28.44 2.23 -10.47
CA ARG B 289 -27.24 2.97 -10.09
C ARG B 289 -26.44 2.11 -9.12
N PHE B 290 -25.12 2.10 -9.29
CA PHE B 290 -24.23 1.21 -8.55
C PHE B 290 -23.08 2.00 -7.95
N SER B 291 -22.60 1.55 -6.79
CA SER B 291 -21.75 2.39 -5.96
C SER B 291 -20.33 2.54 -6.54
N PHE B 292 -19.65 1.43 -6.80
CA PHE B 292 -18.24 1.50 -7.18
C PHE B 292 -18.09 1.05 -8.62
N VAL B 293 -17.75 2.00 -9.50
CA VAL B 293 -17.73 1.78 -10.94
C VAL B 293 -16.50 2.50 -11.48
N PRO B 294 -16.12 2.29 -12.74
CA PRO B 294 -14.95 2.99 -13.31
C PRO B 294 -14.98 4.50 -13.09
N VAL B 295 -13.78 5.08 -12.95
CA VAL B 295 -13.60 6.53 -12.79
C VAL B 295 -12.94 7.11 -14.03
N ILE B 296 -13.40 8.30 -14.42
CA ILE B 296 -12.76 9.04 -15.49
C ILE B 296 -11.51 9.71 -14.92
N ASP B 297 -10.37 9.05 -15.04
CA ASP B 297 -9.20 9.36 -14.24
C ASP B 297 -8.09 10.11 -14.97
N GLY B 298 -8.14 10.23 -16.29
CA GLY B 298 -7.02 10.81 -17.01
C GLY B 298 -5.90 9.84 -17.32
N GLU B 299 -6.05 8.57 -16.97
CA GLU B 299 -5.04 7.54 -17.26
C GLU B 299 -5.66 6.40 -18.06
N PHE B 300 -6.46 5.53 -17.43
CA PHE B 300 -7.23 4.56 -18.21
C PHE B 300 -8.03 5.26 -19.30
N PHE B 301 -8.71 6.35 -18.94
CA PHE B 301 -9.42 7.22 -19.88
C PHE B 301 -8.69 8.55 -19.92
N PRO B 302 -8.00 8.92 -21.00
CA PRO B 302 -7.24 10.18 -20.98
C PRO B 302 -8.10 11.43 -20.86
N THR B 303 -9.31 11.45 -21.43
CA THR B 303 -10.21 12.57 -21.28
C THR B 303 -11.62 12.02 -21.05
N SER B 304 -12.59 12.94 -21.00
CA SER B 304 -13.99 12.55 -20.87
C SER B 304 -14.39 11.61 -22.01
N LEU B 305 -15.33 10.72 -21.70
CA LEU B 305 -15.79 9.79 -22.72
C LEU B 305 -16.35 10.52 -23.93
N GLU B 306 -17.12 11.58 -23.72
CA GLU B 306 -17.72 12.31 -24.83
C GLU B 306 -16.65 12.94 -25.73
N SER B 307 -15.61 13.56 -25.15
CA SER B 307 -14.57 14.14 -25.98
C SER B 307 -13.78 13.07 -26.73
N MET B 308 -13.54 11.93 -26.09
CA MET B 308 -12.91 10.82 -26.80
C MET B 308 -13.77 10.35 -27.96
N LEU B 309 -15.08 10.21 -27.73
CA LEU B 309 -15.97 9.80 -28.81
C LEU B 309 -16.01 10.84 -29.94
N ASN B 310 -16.02 12.12 -29.57
CA ASN B 310 -16.10 13.19 -30.57
C ASN B 310 -14.85 13.29 -31.43
N SER B 311 -13.67 13.02 -30.86
CA SER B 311 -12.43 13.22 -31.60
C SER B 311 -11.96 11.96 -32.30
N GLY B 312 -12.66 10.85 -32.14
CA GLY B 312 -12.19 9.59 -32.69
C GLY B 312 -11.03 8.99 -31.92
N ASN B 313 -10.89 9.33 -30.64
CA ASN B 313 -9.81 8.81 -29.82
C ASN B 313 -10.20 7.43 -29.29
N PHE B 314 -10.16 6.44 -30.18
CA PHE B 314 -10.54 5.09 -29.81
C PHE B 314 -10.07 4.13 -30.90
N LYS B 315 -10.03 2.84 -30.54
CA LYS B 315 -9.67 1.81 -31.51
C LYS B 315 -10.66 1.77 -32.66
N LYS B 316 -10.14 1.80 -33.88
CA LYS B 316 -10.98 1.75 -35.09
C LYS B 316 -10.97 0.35 -35.66
N THR B 317 -12.13 -0.30 -35.63
CA THR B 317 -12.28 -1.69 -36.06
C THR B 317 -13.76 -1.92 -36.31
N GLN B 318 -14.19 -3.18 -36.29
CA GLN B 318 -15.59 -3.53 -36.46
C GLN B 318 -16.23 -3.80 -35.11
N ILE B 319 -17.49 -3.38 -34.95
CA ILE B 319 -18.27 -3.70 -33.76
C ILE B 319 -19.61 -4.30 -34.17
N LEU B 320 -20.11 -5.18 -33.32
CA LEU B 320 -21.46 -5.72 -33.41
C LEU B 320 -22.08 -5.53 -32.04
N LEU B 321 -23.32 -5.04 -32.00
CA LEU B 321 -23.88 -4.64 -30.72
C LEU B 321 -25.39 -4.49 -30.86
N GLY B 322 -26.06 -4.42 -29.71
CA GLY B 322 -27.51 -4.29 -29.72
C GLY B 322 -28.08 -4.37 -28.33
N VAL B 323 -29.40 -4.39 -28.27
CA VAL B 323 -30.18 -4.27 -27.04
C VAL B 323 -31.33 -5.26 -27.10
N ASN B 324 -31.95 -5.48 -25.95
CA ASN B 324 -33.15 -6.28 -25.78
C ASN B 324 -34.37 -5.36 -25.66
N LYS B 325 -35.56 -5.95 -25.84
CA LYS B 325 -36.78 -5.14 -25.90
C LYS B 325 -37.11 -4.50 -24.56
N ASP B 326 -36.91 -5.22 -23.45
CA ASP B 326 -37.35 -4.75 -22.12
C ASP B 326 -36.17 -4.73 -21.14
N GLU B 327 -35.19 -3.84 -21.39
CA GLU B 327 -34.05 -3.76 -20.49
C GLU B 327 -34.46 -3.33 -19.09
N GLY B 328 -35.49 -2.48 -18.96
CA GLY B 328 -35.78 -1.88 -17.68
C GLY B 328 -36.51 -2.76 -16.67
N SER B 329 -37.15 -3.85 -17.13
CA SER B 329 -38.25 -4.42 -16.35
C SER B 329 -37.79 -4.99 -15.02
N PHE B 330 -36.68 -5.76 -15.00
CA PHE B 330 -36.34 -6.36 -13.71
C PHE B 330 -35.81 -5.31 -12.72
N PHE B 331 -35.29 -4.18 -13.20
CA PHE B 331 -34.88 -3.14 -12.26
C PHE B 331 -36.09 -2.54 -11.53
N LEU B 332 -37.23 -2.44 -12.21
CA LEU B 332 -38.42 -1.91 -11.58
C LEU B 332 -39.01 -2.90 -10.58
N LEU B 333 -39.10 -4.17 -10.97
CA LEU B 333 -39.53 -5.21 -10.06
C LEU B 333 -38.76 -5.14 -8.74
N TYR B 334 -37.42 -5.06 -8.83
CA TYR B 334 -36.58 -5.12 -7.64
C TYR B 334 -36.66 -3.85 -6.81
N GLY B 335 -36.74 -2.68 -7.46
CA GLY B 335 -36.54 -1.42 -6.77
C GLY B 335 -37.70 -0.44 -6.67
N ALA B 336 -38.78 -0.63 -7.41
CA ALA B 336 -39.93 0.26 -7.28
C ALA B 336 -41.07 -0.50 -6.60
N PRO B 337 -41.38 -0.23 -5.32
CA PRO B 337 -42.38 -1.05 -4.61
C PRO B 337 -43.77 -1.10 -5.28
N GLY B 338 -44.09 -0.15 -6.19
CA GLY B 338 -45.34 -0.23 -6.92
C GLY B 338 -45.50 -1.49 -7.74
N PHE B 339 -44.38 -2.08 -8.17
CA PHE B 339 -44.43 -3.26 -9.03
C PHE B 339 -44.66 -4.55 -8.24
N SER B 340 -45.00 -4.44 -6.95
CA SER B 340 -45.43 -5.58 -6.16
C SER B 340 -46.83 -5.42 -5.58
N LYS B 341 -47.47 -4.26 -5.78
CA LYS B 341 -48.83 -4.09 -5.29
C LYS B 341 -49.86 -4.84 -6.13
N ASP B 342 -49.48 -5.28 -7.34
CA ASP B 342 -50.42 -5.82 -8.31
C ASP B 342 -49.75 -6.98 -9.04
N SER B 343 -50.56 -7.95 -9.46
CA SER B 343 -49.99 -9.19 -10.01
C SER B 343 -49.28 -8.94 -11.33
N GLU B 344 -49.97 -8.30 -12.28
CA GLU B 344 -49.34 -7.92 -13.54
C GLU B 344 -48.60 -6.59 -13.43
N SER B 345 -48.47 -6.04 -12.22
CA SER B 345 -47.69 -4.84 -11.93
C SER B 345 -48.28 -3.59 -12.58
N LYS B 346 -49.61 -3.51 -12.68
CA LYS B 346 -50.24 -2.23 -13.01
C LYS B 346 -49.88 -1.21 -11.95
N ILE B 347 -49.64 0.01 -12.39
CA ILE B 347 -48.95 1.04 -11.63
C ILE B 347 -49.85 2.27 -11.60
N SER B 348 -50.13 2.77 -10.39
CA SER B 348 -50.87 4.02 -10.31
C SER B 348 -50.01 5.19 -10.80
N ARG B 349 -50.66 6.34 -10.95
CA ARG B 349 -49.96 7.55 -11.38
C ARG B 349 -48.98 8.05 -10.33
N GLU B 350 -49.36 7.94 -9.05
CA GLU B 350 -48.41 8.29 -8.00
C GLU B 350 -47.15 7.43 -8.07
N ASP B 351 -47.32 6.11 -8.27
CA ASP B 351 -46.16 5.23 -8.34
C ASP B 351 -45.38 5.43 -9.63
N PHE B 352 -46.05 5.80 -10.73
CA PHE B 352 -45.33 6.27 -11.91
C PHE B 352 -44.41 7.43 -11.57
N MET B 353 -44.96 8.47 -10.93
CA MET B 353 -44.16 9.66 -10.64
C MET B 353 -43.00 9.34 -9.70
N SER B 354 -43.23 8.49 -8.71
CA SER B 354 -42.14 8.07 -7.83
C SER B 354 -41.06 7.32 -8.62
N GLY B 355 -41.48 6.41 -9.49
CA GLY B 355 -40.53 5.68 -10.30
C GLY B 355 -39.69 6.57 -11.20
N VAL B 356 -40.29 7.63 -11.73
CA VAL B 356 -39.52 8.56 -12.57
C VAL B 356 -38.40 9.18 -11.75
N LYS B 357 -38.72 9.60 -10.54
CA LYS B 357 -37.71 10.16 -9.64
C LYS B 357 -36.60 9.15 -9.37
N LEU B 358 -36.97 7.91 -9.03
CA LEU B 358 -35.97 6.89 -8.79
C LEU B 358 -35.13 6.62 -10.02
N SER B 359 -35.70 6.80 -11.21
CA SER B 359 -35.06 6.36 -12.44
C SER B 359 -34.15 7.41 -13.03
N VAL B 360 -34.42 8.68 -12.80
CA VAL B 360 -33.57 9.77 -13.29
C VAL B 360 -33.15 10.57 -12.07
N PRO B 361 -32.38 9.99 -11.15
CA PRO B 361 -32.19 10.61 -9.84
C PRO B 361 -31.40 11.89 -9.89
N HIS B 362 -30.69 12.16 -10.98
CA HIS B 362 -29.88 13.36 -11.10
C HIS B 362 -30.65 14.55 -11.66
N ALA B 363 -31.90 14.36 -12.10
CA ALA B 363 -32.60 15.43 -12.77
C ALA B 363 -33.23 16.37 -11.76
N ASN B 364 -33.25 17.67 -12.11
CA ASN B 364 -34.03 18.61 -11.33
C ASN B 364 -35.52 18.41 -11.64
N ASP B 365 -36.36 19.27 -11.05
CA ASP B 365 -37.81 19.13 -11.20
C ASP B 365 -38.26 19.39 -12.62
N LEU B 366 -37.62 20.33 -13.31
CA LEU B 366 -37.94 20.58 -14.71
C LEU B 366 -37.63 19.35 -15.56
N GLY B 367 -36.48 18.71 -15.32
CA GLY B 367 -36.16 17.50 -16.05
C GLY B 367 -37.11 16.35 -15.77
N LEU B 368 -37.49 16.17 -14.50
CA LEU B 368 -38.47 15.15 -14.18
C LEU B 368 -39.79 15.40 -14.90
N ASP B 369 -40.24 16.66 -14.96
CA ASP B 369 -41.45 16.97 -15.72
C ASP B 369 -41.28 16.67 -17.19
N ALA B 370 -40.10 16.96 -17.74
CA ALA B 370 -39.84 16.66 -19.14
C ALA B 370 -39.99 15.16 -19.40
N VAL B 371 -39.41 14.33 -18.51
CA VAL B 371 -39.49 12.89 -18.67
C VAL B 371 -40.94 12.43 -18.60
N THR B 372 -41.63 12.87 -17.54
CA THR B 372 -43.03 12.54 -17.34
C THR B 372 -43.87 12.88 -18.57
N LEU B 373 -43.68 14.08 -19.11
CA LEU B 373 -44.46 14.50 -20.27
C LEU B 373 -44.21 13.59 -21.47
N GLN B 374 -42.96 13.19 -21.65
CA GLN B 374 -42.57 12.43 -22.82
C GLN B 374 -43.13 11.02 -22.79
N TYR B 375 -43.41 10.47 -21.60
CA TYR B 375 -43.84 9.07 -21.47
C TYR B 375 -45.25 8.93 -20.92
N THR B 376 -46.03 9.99 -20.79
CA THR B 376 -47.40 9.93 -20.28
C THR B 376 -48.39 10.12 -21.42
N ASP B 377 -49.40 9.25 -21.48
CA ASP B 377 -50.54 9.45 -22.36
C ASP B 377 -51.57 10.27 -21.58
N TRP B 378 -51.64 11.57 -21.86
CA TRP B 378 -52.49 12.44 -21.07
C TRP B 378 -53.97 12.30 -21.40
N MET B 379 -54.33 11.55 -22.43
CA MET B 379 -55.71 11.11 -22.60
C MET B 379 -56.10 9.99 -21.66
N ASP B 380 -55.15 9.40 -20.95
CA ASP B 380 -55.41 8.13 -20.29
C ASP B 380 -54.34 7.87 -19.23
N ASP B 381 -54.15 8.83 -18.32
CA ASP B 381 -53.03 8.84 -17.40
C ASP B 381 -53.23 7.95 -16.18
N ASN B 382 -54.43 7.41 -15.95
CA ASN B 382 -54.67 6.47 -14.86
C ASN B 382 -54.69 5.02 -15.32
N ASN B 383 -54.26 4.75 -16.54
CA ASN B 383 -54.16 3.39 -17.06
C ASN B 383 -52.92 2.72 -16.45
N GLY B 384 -53.15 1.72 -15.59
CA GLY B 384 -52.04 1.09 -14.89
C GLY B 384 -51.08 0.36 -15.81
N ILE B 385 -51.60 -0.19 -16.90
CA ILE B 385 -50.75 -0.85 -17.88
C ILE B 385 -49.86 0.17 -18.60
N LYS B 386 -50.45 1.29 -19.04
CA LYS B 386 -49.64 2.29 -19.75
C LYS B 386 -48.61 2.91 -18.82
N ASN B 387 -48.97 3.09 -17.55
CA ASN B 387 -48.02 3.63 -16.58
C ASN B 387 -46.86 2.67 -16.36
N ARG B 388 -47.14 1.38 -16.19
CA ARG B 388 -46.09 0.37 -16.05
C ARG B 388 -45.18 0.35 -17.28
N ASP B 389 -45.76 0.21 -18.48
CA ASP B 389 -44.99 0.14 -19.71
C ASP B 389 -44.17 1.42 -19.94
N GLY B 390 -44.75 2.56 -19.57
CA GLY B 390 -44.04 3.82 -19.74
C GLY B 390 -42.80 3.89 -18.86
N LEU B 391 -42.94 3.51 -17.60
CA LEU B 391 -41.80 3.50 -16.69
C LEU B 391 -40.78 2.42 -17.08
N ASP B 392 -41.28 1.29 -17.56
CA ASP B 392 -40.42 0.27 -18.17
C ASP B 392 -39.56 0.88 -19.28
N ASP B 393 -40.17 1.64 -20.18
CA ASP B 393 -39.40 2.21 -21.28
C ASP B 393 -38.47 3.30 -20.80
N ILE B 394 -38.88 4.09 -19.80
CA ILE B 394 -37.98 5.09 -19.24
C ILE B 394 -36.66 4.45 -18.79
N VAL B 395 -36.76 3.39 -17.99
CA VAL B 395 -35.54 2.78 -17.42
C VAL B 395 -34.65 2.22 -18.53
N GLY B 396 -35.25 1.49 -19.48
CA GLY B 396 -34.45 0.87 -20.54
C GLY B 396 -33.86 1.87 -21.51
N ASP B 397 -34.64 2.91 -21.86
CA ASP B 397 -34.15 3.94 -22.77
C ASP B 397 -33.03 4.75 -22.14
N HIS B 398 -33.23 5.22 -20.92
CA HIS B 398 -32.26 6.07 -20.27
C HIS B 398 -30.96 5.33 -19.98
N ASN B 399 -31.05 4.08 -19.50
CA ASN B 399 -29.86 3.41 -18.99
C ASN B 399 -29.15 2.55 -20.01
N VAL B 400 -29.84 2.08 -21.04
CA VAL B 400 -29.27 1.07 -21.94
C VAL B 400 -29.41 1.46 -23.41
N ILE B 401 -30.65 1.62 -23.89
CA ILE B 401 -30.87 1.75 -25.33
C ILE B 401 -30.29 3.05 -25.86
N CYS B 402 -30.68 4.18 -25.26
CA CYS B 402 -30.21 5.42 -25.87
C CYS B 402 -28.72 5.68 -25.67
N PRO B 403 -28.11 5.31 -24.54
CA PRO B 403 -26.63 5.41 -24.48
C PRO B 403 -25.95 4.60 -25.58
N LEU B 404 -26.44 3.39 -25.84
CA LEU B 404 -25.84 2.56 -26.86
C LEU B 404 -26.03 3.20 -28.24
N MET B 405 -27.22 3.75 -28.51
CA MET B 405 -27.45 4.43 -29.78
C MET B 405 -26.53 5.64 -29.93
N HIS B 406 -26.29 6.36 -28.83
CA HIS B 406 -25.34 7.47 -28.91
C HIS B 406 -23.95 6.95 -29.23
N PHE B 407 -23.55 5.86 -28.58
CA PHE B 407 -22.23 5.27 -28.87
C PHE B 407 -22.14 4.78 -30.30
N VAL B 408 -23.20 4.12 -30.78
CA VAL B 408 -23.23 3.61 -32.14
C VAL B 408 -22.98 4.74 -33.15
N ASN B 409 -23.68 5.86 -32.97
CA ASN B 409 -23.57 6.93 -33.96
CA ASN B 409 -23.57 6.97 -33.92
C ASN B 409 -22.20 7.62 -33.87
N LYS B 410 -21.67 7.85 -32.67
CA LYS B 410 -20.32 8.42 -32.59
C LYS B 410 -19.28 7.46 -33.17
N TYR B 411 -19.38 6.17 -32.86
CA TYR B 411 -18.33 5.25 -33.29
C TYR B 411 -18.32 5.08 -34.80
N THR B 412 -19.51 5.00 -35.40
CA THR B 412 -19.62 4.70 -36.81
C THR B 412 -19.03 5.80 -37.69
N LYS B 413 -18.88 7.02 -37.15
CA LYS B 413 -18.22 8.08 -37.92
C LYS B 413 -16.76 7.75 -38.20
N PHE B 414 -16.11 7.01 -37.31
CA PHE B 414 -14.70 6.70 -37.49
C PHE B 414 -14.39 5.23 -37.66
N GLY B 415 -15.32 4.33 -37.34
CA GLY B 415 -15.03 2.91 -37.26
C GLY B 415 -14.95 2.28 -38.63
N ASN B 416 -14.72 0.97 -38.64
CA ASN B 416 -14.55 0.24 -39.89
C ASN B 416 -15.67 -0.77 -40.13
N GLY B 417 -16.82 -0.59 -39.49
CA GLY B 417 -17.96 -1.46 -39.74
C GLY B 417 -18.81 -1.72 -38.50
N THR B 418 -20.09 -1.34 -38.54
CA THR B 418 -20.99 -1.44 -37.41
C THR B 418 -22.19 -2.31 -37.78
N TYR B 419 -22.51 -3.27 -36.91
CA TYR B 419 -23.70 -4.11 -37.04
C TYR B 419 -24.55 -4.00 -35.77
N LEU B 420 -25.81 -3.61 -35.94
CA LEU B 420 -26.71 -3.30 -34.85
C LEU B 420 -27.88 -4.27 -34.84
N TYR B 421 -28.23 -4.79 -33.66
CA TYR B 421 -29.38 -5.70 -33.52
C TYR B 421 -30.33 -5.21 -32.44
N PHE B 422 -31.54 -5.77 -32.49
CA PHE B 422 -32.59 -5.55 -31.50
C PHE B 422 -33.19 -6.91 -31.18
N PHE B 423 -32.87 -7.44 -29.99
CA PHE B 423 -33.29 -8.79 -29.62
C PHE B 423 -34.65 -8.72 -28.95
N ASN B 424 -35.66 -9.36 -29.54
CA ASN B 424 -37.01 -9.20 -29.01
C ASN B 424 -37.75 -10.53 -28.99
N HIS B 425 -37.05 -11.61 -28.71
CA HIS B 425 -37.67 -12.90 -28.50
C HIS B 425 -37.82 -13.16 -27.02
N ARG B 426 -39.02 -13.59 -26.61
CA ARG B 426 -39.26 -14.00 -25.24
C ARG B 426 -39.24 -15.53 -25.18
N ALA B 427 -38.25 -16.07 -24.46
CA ALA B 427 -38.06 -17.51 -24.36
C ALA B 427 -39.34 -18.20 -23.92
N SER B 428 -39.64 -19.31 -24.59
CA SER B 428 -40.85 -20.07 -24.31
C SER B 428 -40.86 -20.67 -22.90
N ASN B 429 -39.68 -20.82 -22.29
CA ASN B 429 -39.54 -21.44 -20.98
C ASN B 429 -39.21 -20.43 -19.87
N LEU B 430 -39.43 -19.13 -20.13
CA LEU B 430 -39.10 -18.11 -19.15
C LEU B 430 -39.86 -18.31 -17.85
N VAL B 431 -39.17 -18.09 -16.71
CA VAL B 431 -39.80 -18.29 -15.41
C VAL B 431 -40.34 -16.99 -14.83
N TRP B 432 -40.06 -15.85 -15.44
CA TRP B 432 -40.46 -14.52 -15.08
C TRP B 432 -41.81 -14.18 -15.70
N PRO B 433 -42.61 -13.32 -15.06
CA PRO B 433 -43.95 -13.04 -15.57
C PRO B 433 -43.91 -12.33 -16.91
N GLU B 434 -45.02 -12.48 -17.65
CA GLU B 434 -45.08 -12.07 -19.06
C GLU B 434 -44.88 -10.57 -19.23
N TRP B 435 -45.38 -9.76 -18.29
CA TRP B 435 -45.24 -8.31 -18.43
C TRP B 435 -43.78 -7.88 -18.51
N MET B 436 -42.87 -8.67 -17.97
CA MET B 436 -41.46 -8.29 -17.98
C MET B 436 -40.83 -8.43 -19.35
N GLY B 437 -41.46 -9.16 -20.27
CA GLY B 437 -41.03 -9.15 -21.66
C GLY B 437 -39.67 -9.78 -21.86
N VAL B 438 -38.86 -9.14 -22.70
CA VAL B 438 -37.52 -9.63 -23.07
C VAL B 438 -36.53 -8.96 -22.13
N ILE B 439 -36.15 -9.66 -21.06
CA ILE B 439 -35.48 -9.08 -19.90
C ILE B 439 -34.00 -8.87 -20.17
N HIS B 440 -33.44 -7.84 -19.54
CA HIS B 440 -32.00 -7.61 -19.42
C HIS B 440 -31.27 -8.89 -19.09
N GLY B 441 -30.39 -9.33 -19.99
CA GLY B 441 -29.58 -10.51 -19.79
C GLY B 441 -30.09 -11.77 -20.45
N TYR B 442 -31.33 -11.78 -20.96
CA TYR B 442 -31.91 -13.04 -21.41
C TYR B 442 -31.65 -13.33 -22.89
N GLU B 443 -30.84 -12.52 -23.55
CA GLU B 443 -30.30 -12.96 -24.82
C GLU B 443 -29.03 -13.82 -24.63
N ILE B 444 -28.43 -13.80 -23.43
CA ILE B 444 -27.15 -14.47 -23.24
C ILE B 444 -27.29 -15.96 -23.50
N GLU B 445 -28.37 -16.58 -23.03
CA GLU B 445 -28.53 -18.01 -23.16
C GLU B 445 -28.59 -18.46 -24.61
N PHE B 446 -29.07 -17.58 -25.50
CA PHE B 446 -29.05 -17.89 -26.94
C PHE B 446 -27.66 -17.73 -27.52
N VAL B 447 -26.94 -16.67 -27.12
CA VAL B 447 -25.57 -16.46 -27.54
C VAL B 447 -24.67 -17.63 -27.12
N PHE B 448 -24.94 -18.22 -25.96
CA PHE B 448 -24.12 -19.34 -25.48
C PHE B 448 -24.70 -20.70 -25.83
N GLY B 449 -25.81 -20.76 -26.56
CA GLY B 449 -26.22 -22.01 -27.16
C GLY B 449 -26.97 -22.95 -26.24
N LEU B 450 -27.51 -22.46 -25.13
CA LEU B 450 -28.29 -23.32 -24.26
C LEU B 450 -29.53 -23.91 -24.91
N PRO B 451 -30.22 -23.26 -25.86
CA PRO B 451 -31.35 -23.93 -26.53
C PRO B 451 -30.96 -25.21 -27.24
N LEU B 452 -29.67 -25.43 -27.53
CA LEU B 452 -29.25 -26.67 -28.14
C LEU B 452 -29.32 -27.87 -27.20
N VAL B 453 -29.54 -27.63 -25.90
CA VAL B 453 -29.58 -28.68 -24.90
C VAL B 453 -31.04 -29.07 -24.67
N LYS B 454 -31.39 -30.27 -25.14
CA LYS B 454 -32.79 -30.68 -25.15
C LYS B 454 -33.42 -30.66 -23.75
N GLU B 455 -32.64 -30.96 -22.72
CA GLU B 455 -33.16 -31.02 -21.36
C GLU B 455 -33.62 -29.67 -20.82
N LEU B 456 -33.38 -28.57 -21.54
CA LEU B 456 -33.77 -27.25 -21.08
C LEU B 456 -35.09 -26.79 -21.68
N ASN B 457 -35.78 -27.69 -22.40
CA ASN B 457 -37.11 -27.47 -22.96
C ASN B 457 -37.23 -26.11 -23.67
N TYR B 458 -36.29 -25.85 -24.57
CA TYR B 458 -36.47 -24.78 -25.54
C TYR B 458 -37.20 -25.36 -26.75
N THR B 459 -37.85 -24.49 -27.52
CA THR B 459 -38.46 -25.00 -28.74
C THR B 459 -37.41 -25.19 -29.83
N ALA B 460 -37.76 -26.02 -30.81
CA ALA B 460 -36.86 -26.25 -31.93
C ALA B 460 -36.61 -24.97 -32.71
N GLU B 461 -37.58 -24.07 -32.74
CA GLU B 461 -37.36 -22.78 -33.39
C GLU B 461 -36.39 -21.91 -32.60
N GLU B 462 -36.38 -22.07 -31.26
CA GLU B 462 -35.41 -21.36 -30.44
C GLU B 462 -34.02 -21.96 -30.57
N GLU B 463 -33.92 -23.27 -30.82
CA GLU B 463 -32.62 -23.84 -31.17
C GLU B 463 -32.09 -23.24 -32.45
N ALA B 464 -32.95 -23.10 -33.46
CA ALA B 464 -32.51 -22.51 -34.72
C ALA B 464 -32.07 -21.07 -34.52
N LEU B 465 -32.80 -20.31 -33.69
CA LEU B 465 -32.39 -18.93 -33.41
C LEU B 465 -31.05 -18.90 -32.66
N SER B 466 -30.86 -19.77 -31.67
CA SER B 466 -29.56 -19.82 -30.98
C SER B 466 -28.43 -20.15 -31.95
N ARG B 467 -28.64 -21.13 -32.84
CA ARG B 467 -27.61 -21.46 -33.82
C ARG B 467 -27.33 -20.30 -34.76
N ARG B 468 -28.38 -19.56 -35.15
CA ARG B 468 -28.17 -18.39 -36.01
CA ARG B 468 -28.15 -18.40 -36.02
C ARG B 468 -27.30 -17.35 -35.32
N ILE B 469 -27.59 -17.07 -34.05
CA ILE B 469 -26.90 -16.01 -33.32
C ILE B 469 -25.45 -16.41 -33.05
N MET B 470 -25.23 -17.64 -32.58
CA MET B 470 -23.86 -18.13 -32.41
C MET B 470 -23.08 -18.01 -33.71
N HIS B 471 -23.73 -18.33 -34.83
CA HIS B 471 -23.01 -18.25 -36.10
C HIS B 471 -22.74 -16.81 -36.51
N TYR B 472 -23.71 -15.90 -36.29
CA TYR B 472 -23.46 -14.48 -36.52
C TYR B 472 -22.29 -14.00 -35.68
N TRP B 473 -22.28 -14.34 -34.39
CA TRP B 473 -21.26 -13.86 -33.47
C TRP B 473 -19.88 -14.40 -33.85
N ALA B 474 -19.79 -15.71 -34.09
CA ALA B 474 -18.49 -16.31 -34.41
C ALA B 474 -18.01 -15.89 -35.80
N THR B 475 -18.93 -15.83 -36.78
CA THR B 475 -18.54 -15.38 -38.11
C THR B 475 -18.08 -13.93 -38.07
N PHE B 476 -18.73 -13.11 -37.25
CA PHE B 476 -18.27 -11.74 -37.05
C PHE B 476 -16.89 -11.72 -36.40
N ALA B 477 -16.70 -12.51 -35.35
CA ALA B 477 -15.40 -12.58 -34.69
C ALA B 477 -14.31 -13.00 -35.69
N LYS B 478 -14.61 -13.97 -36.54
CA LYS B 478 -13.62 -14.47 -37.49
C LYS B 478 -13.31 -13.45 -38.59
N THR B 479 -14.34 -12.77 -39.10
CA THR B 479 -14.20 -12.00 -40.33
C THR B 479 -14.57 -10.53 -40.20
N GLY B 480 -15.09 -10.07 -39.07
CA GLY B 480 -15.55 -8.70 -39.00
C GLY B 480 -16.87 -8.45 -39.69
N ASN B 481 -17.58 -9.50 -40.11
CA ASN B 481 -18.87 -9.40 -40.79
C ASN B 481 -19.70 -10.59 -40.33
N PRO B 482 -20.89 -10.39 -39.74
CA PRO B 482 -21.66 -11.55 -39.26
C PRO B 482 -22.19 -12.41 -40.38
N ASN B 483 -22.22 -11.89 -41.61
CA ASN B 483 -22.80 -12.59 -42.74
C ASN B 483 -21.76 -13.51 -43.37
N GLU B 484 -22.20 -14.71 -43.72
CA GLU B 484 -21.33 -15.59 -44.49
C GLU B 484 -21.39 -15.18 -45.95
N PRO B 485 -20.26 -14.85 -46.58
CA PRO B 485 -20.30 -14.51 -48.01
C PRO B 485 -20.60 -15.75 -48.84
N HIS B 486 -21.09 -15.50 -50.06
CA HIS B 486 -21.56 -16.55 -50.97
C HIS B 486 -22.76 -17.31 -50.40
N SER B 487 -23.48 -16.71 -49.48
CA SER B 487 -24.64 -17.34 -48.87
C SER B 487 -25.93 -16.84 -49.50
N GLN B 488 -26.99 -17.63 -49.32
CA GLN B 488 -28.30 -17.32 -49.86
C GLN B 488 -29.26 -16.80 -48.81
N GLU B 489 -28.85 -16.75 -47.55
CA GLU B 489 -29.67 -16.13 -46.52
C GLU B 489 -29.74 -14.62 -46.74
N SER B 490 -30.72 -13.99 -46.08
CA SER B 490 -30.78 -12.54 -46.10
C SER B 490 -29.57 -11.97 -45.36
N LYS B 491 -29.10 -10.82 -45.81
CA LYS B 491 -27.89 -10.24 -45.26
C LYS B 491 -28.25 -9.25 -44.15
N TRP B 492 -27.51 -9.33 -43.06
CA TRP B 492 -27.57 -8.32 -42.01
C TRP B 492 -26.84 -7.09 -42.50
N PRO B 493 -27.51 -5.96 -42.75
CA PRO B 493 -26.83 -4.82 -43.35
C PRO B 493 -25.96 -4.08 -42.36
N LEU B 494 -24.90 -3.49 -42.90
CA LEU B 494 -24.11 -2.52 -42.18
C LEU B 494 -24.98 -1.38 -41.67
N PHE B 495 -24.73 -0.97 -40.43
CA PHE B 495 -25.27 0.26 -39.90
C PHE B 495 -24.41 1.41 -40.44
N THR B 496 -25.05 2.40 -41.04
CA THR B 496 -24.34 3.56 -41.56
C THR B 496 -24.89 4.83 -40.94
N THR B 497 -24.04 5.86 -40.89
CA THR B 497 -24.48 7.18 -40.45
C THR B 497 -25.75 7.62 -41.15
N LYS B 498 -25.83 7.40 -42.47
CA LYS B 498 -26.96 7.89 -43.25
C LYS B 498 -28.22 7.04 -43.06
N GLU B 499 -28.12 5.71 -43.24
CA GLU B 499 -29.33 4.90 -43.25
C GLU B 499 -29.65 4.22 -41.91
N GLN B 500 -28.66 4.03 -41.04
CA GLN B 500 -28.91 3.64 -39.64
C GLN B 500 -29.75 2.36 -39.51
N LYS B 501 -29.40 1.35 -40.32
CA LYS B 501 -30.15 0.11 -40.36
C LYS B 501 -29.77 -0.81 -39.21
N PHE B 502 -30.75 -1.62 -38.78
CA PHE B 502 -30.53 -2.70 -37.84
C PHE B 502 -31.50 -3.82 -38.16
N ILE B 503 -31.30 -4.98 -37.55
CA ILE B 503 -32.19 -6.12 -37.71
C ILE B 503 -32.81 -6.48 -36.36
N ASP B 504 -33.97 -7.15 -36.42
CA ASP B 504 -34.48 -7.87 -35.28
C ASP B 504 -33.81 -9.22 -35.16
N LEU B 505 -33.61 -9.68 -33.94
CA LEU B 505 -33.21 -11.06 -33.68
C LEU B 505 -34.38 -11.76 -33.01
N ASN B 506 -34.99 -12.70 -33.74
CA ASN B 506 -36.12 -13.47 -33.20
C ASN B 506 -36.33 -14.69 -34.10
N THR B 507 -37.40 -15.44 -33.80
CA THR B 507 -37.67 -16.67 -34.55
C THR B 507 -38.31 -16.43 -35.91
N GLU B 508 -38.71 -15.19 -36.22
CA GLU B 508 -39.33 -14.86 -37.49
C GLU B 508 -38.27 -14.46 -38.50
N PRO B 509 -38.60 -14.44 -39.79
CA PRO B 509 -37.61 -14.05 -40.80
C PRO B 509 -37.08 -12.64 -40.58
N MET B 510 -35.81 -12.45 -40.96
CA MET B 510 -35.09 -11.23 -40.68
C MET B 510 -35.80 -10.01 -41.27
N LYS B 511 -36.03 -9.01 -40.43
CA LYS B 511 -36.55 -7.72 -40.88
C LYS B 511 -35.50 -6.66 -40.63
N VAL B 512 -35.31 -5.78 -41.61
CA VAL B 512 -34.43 -4.63 -41.47
C VAL B 512 -35.27 -3.43 -41.09
N HIS B 513 -34.84 -2.68 -40.07
CA HIS B 513 -35.46 -1.40 -39.75
C HIS B 513 -34.38 -0.32 -39.74
N GLN B 514 -34.81 0.90 -39.43
CA GLN B 514 -33.94 2.06 -39.41
C GLN B 514 -34.22 2.91 -38.18
N ARG B 515 -33.17 3.54 -37.66
CA ARG B 515 -33.26 4.55 -36.60
C ARG B 515 -33.93 3.99 -35.34
N LEU B 516 -33.19 3.07 -34.71
CA LEU B 516 -33.66 2.39 -33.51
C LEU B 516 -34.03 3.39 -32.40
N ARG B 517 -35.31 3.35 -32.01
CA ARG B 517 -35.95 4.25 -31.04
C ARG B 517 -35.45 5.70 -31.12
N VAL B 518 -35.37 6.21 -32.35
CA VAL B 518 -34.82 7.56 -32.56
C VAL B 518 -35.64 8.62 -31.83
N GLN B 519 -36.97 8.47 -31.77
CA GLN B 519 -37.76 9.55 -31.18
C GLN B 519 -37.39 9.77 -29.71
N MET B 520 -37.37 8.69 -28.91
CA MET B 520 -37.01 8.83 -27.51
C MET B 520 -35.51 9.10 -27.31
N CYS B 521 -34.65 8.56 -28.18
CA CYS B 521 -33.23 8.80 -27.96
C CYS B 521 -32.81 10.22 -28.35
N VAL B 522 -33.55 10.92 -29.20
CA VAL B 522 -33.29 12.36 -29.34
C VAL B 522 -33.59 13.07 -28.03
N PHE B 523 -34.66 12.67 -27.34
CA PHE B 523 -34.96 13.22 -26.02
C PHE B 523 -33.82 12.95 -25.04
N TRP B 524 -33.46 11.67 -24.87
CA TRP B 524 -32.46 11.31 -23.86
C TRP B 524 -31.07 11.81 -24.22
N ASN B 525 -30.71 11.80 -25.51
CA ASN B 525 -29.32 12.09 -25.88
C ASN B 525 -29.07 13.55 -26.26
N GLN B 526 -30.10 14.29 -26.69
CA GLN B 526 -29.87 15.67 -27.09
C GLN B 526 -30.65 16.67 -26.23
N PHE B 527 -31.96 16.48 -26.04
CA PHE B 527 -32.74 17.52 -25.37
C PHE B 527 -32.56 17.52 -23.85
N LEU B 528 -32.83 16.40 -23.19
CA LEU B 528 -32.71 16.38 -21.73
C LEU B 528 -31.32 16.78 -21.25
N PRO B 529 -30.21 16.32 -21.85
CA PRO B 529 -28.89 16.85 -21.43
C PRO B 529 -28.76 18.34 -21.59
N LYS B 530 -29.24 18.88 -22.70
CA LYS B 530 -29.21 20.33 -22.88
C LYS B 530 -30.05 21.02 -21.82
N LEU B 531 -31.21 20.45 -21.50
CA LEU B 531 -32.05 21.04 -20.46
C LEU B 531 -31.37 21.02 -19.10
N LEU B 532 -30.79 19.87 -18.72
CA LEU B 532 -30.12 19.79 -17.42
C LEU B 532 -28.90 20.69 -17.38
N ASN B 533 -28.12 20.74 -18.46
CA ASN B 533 -26.96 21.64 -18.51
C ASN B 533 -27.39 23.09 -18.34
N ALA B 534 -28.47 23.50 -19.02
CA ALA B 534 -28.90 24.89 -19.00
C ALA B 534 -29.54 25.28 -17.68
N THR B 535 -30.23 24.34 -17.03
CA THR B 535 -30.94 24.64 -15.79
C THR B 535 -30.39 23.84 -14.64
#